data_7KKN
#
_entry.id   7KKN
#
_cell.length_a   48.660
_cell.length_b   113.860
_cell.length_c   83.350
_cell.angle_alpha   90.000
_cell.angle_beta   91.030
_cell.angle_gamma   90.000
#
_symmetry.space_group_name_H-M   'P 1 21 1'
#
loop_
_entity.id
_entity.type
_entity.pdbx_description
1 polymer 'Poly [ADP-ribose] polymerase'
2 non-polymer 'ZINC ION'
3 non-polymer (8S,9R)-5-fluoro-8-(4-fluorophenyl)-9-(1-methyl-1H-1,2,4-triazol-5-yl)-2,7,8,9-tetrahydro-3H-pyrido[4,3,2-de]phthalazin-3-one
4 non-polymer '2-(N-MORPHOLINO)-ETHANESULFONIC ACID'
5 water water
#
_entity_poly.entity_id   1
_entity_poly.type   'polypeptide(L)'
_entity_poly.pdbx_seq_one_letter_code
;GSQGTILLDLAPEDKEYQSVEEEMQSTIREHRDGGNAGGIFNRYNVIRIQKVVNKKLRERFCHRQKEVSEENHNHHNERM
LFHGSPFINAIIHKGFDERHAYIGGMFGAGIYFAENSSKSNQYVYGIGGGTGCPTHKDRSCYICHRQMLFCRVTLGKSFL
QFSTMKMAHAPPGHHSVIGRPSVNGLAYAEYVIYRGEQAYPEYLITYQIMKPE
;
_entity_poly.pdbx_strand_id   A,B,C,D
#
loop_
_chem_comp.id
_chem_comp.type
_chem_comp.name
_chem_comp.formula
2YQ non-polymer (8S,9R)-5-fluoro-8-(4-fluorophenyl)-9-(1-methyl-1H-1,2,4-triazol-5-yl)-2,7,8,9-tetrahydro-3H-pyrido[4,3,2-de]phthalazin-3-one 'C19 H14 F2 N6 O'
MES non-polymer '2-(N-MORPHOLINO)-ETHANESULFONIC ACID' 'C6 H13 N O4 S'
ZN non-polymer 'ZINC ION' 'Zn 2'
#
# COMPACT_ATOMS: atom_id res chain seq x y z
N GLY A 4 9.94 19.96 10.33
CA GLY A 4 9.50 18.58 10.30
C GLY A 4 9.09 18.07 11.68
N THR A 5 9.38 16.82 11.95
CA THR A 5 8.98 16.22 13.23
C THR A 5 9.99 16.47 14.33
N ILE A 6 9.47 16.82 15.51
CA ILE A 6 10.26 17.00 16.73
C ILE A 6 9.75 15.91 17.73
N LEU A 7 10.66 15.19 18.36
CA LEU A 7 10.34 14.21 19.40
C LEU A 7 10.70 14.79 20.75
N LEU A 8 9.74 14.85 21.67
CA LEU A 8 9.94 15.37 23.02
C LEU A 8 9.97 14.23 24.01
N ASP A 9 11.09 14.05 24.72
CA ASP A 9 11.19 12.92 25.66
C ASP A 9 10.39 13.15 26.92
N LEU A 10 9.58 12.16 27.31
CA LEU A 10 8.82 12.23 28.56
C LEU A 10 9.66 11.67 29.67
N ALA A 11 9.64 12.31 30.85
CA ALA A 11 10.40 11.79 31.98
C ALA A 11 9.61 10.64 32.65
N PRO A 12 10.31 9.59 33.13
CA PRO A 12 9.60 8.48 33.79
C PRO A 12 8.82 8.87 35.05
N GLU A 13 9.22 10.00 35.69
CA GLU A 13 8.54 10.50 36.88
C GLU A 13 7.27 11.33 36.55
N ASP A 14 7.01 11.60 35.24
CA ASP A 14 5.84 12.36 34.78
C ASP A 14 4.59 11.48 34.78
N LYS A 15 3.42 12.04 35.19
CA LYS A 15 2.16 11.32 35.21
C LYS A 15 1.74 10.89 33.79
N GLU A 16 2.16 11.68 32.75
CA GLU A 16 1.84 11.37 31.35
C GLU A 16 2.58 10.08 30.90
N TYR A 17 3.89 9.99 31.21
CA TYR A 17 4.72 8.81 30.92
C TYR A 17 4.08 7.61 31.63
N GLN A 18 3.77 7.78 32.94
CA GLN A 18 3.19 6.70 33.73
C GLN A 18 1.84 6.21 33.17
N SER A 19 1.02 7.12 32.67
CA SER A 19 -0.30 6.80 32.11
C SER A 19 -0.11 5.98 30.84
N VAL A 20 0.84 6.39 29.98
CA VAL A 20 1.07 5.62 28.74
C VAL A 20 1.65 4.23 29.04
N GLU A 21 2.63 4.15 29.95
CA GLU A 21 3.17 2.82 30.26
C GLU A 21 2.10 1.92 30.85
N GLU A 22 1.26 2.47 31.75
CA GLU A 22 0.21 1.68 32.40
C GLU A 22 -0.73 1.13 31.32
N GLU A 23 -1.09 1.93 30.30
CA GLU A 23 -1.99 1.43 29.24
C GLU A 23 -1.29 0.35 28.41
N MET A 24 0.00 0.54 28.13
CA MET A 24 0.75 -0.46 27.38
C MET A 24 0.84 -1.77 28.15
N GLN A 25 1.23 -1.70 29.43
CA GLN A 25 1.42 -2.93 30.20
C GLN A 25 0.11 -3.66 30.51
N SER A 26 -0.93 -2.89 30.92
CA SER A 26 -2.17 -3.53 31.38
C SER A 26 -3.00 -4.12 30.26
N THR A 27 -2.73 -3.73 28.99
CA THR A 27 -3.54 -4.26 27.88
C THR A 27 -2.92 -5.52 27.21
N ILE A 28 -1.79 -6.02 27.72
CA ILE A 28 -1.17 -7.26 27.25
C ILE A 28 -2.20 -8.37 27.46
N ARG A 29 -2.35 -9.23 26.44
CA ARG A 29 -3.28 -10.35 26.55
C ARG A 29 -2.62 -11.62 26.02
N GLU A 30 -3.29 -12.74 26.26
N GLU A 30 -3.23 -12.77 26.33
CA GLU A 30 -2.88 -14.10 25.92
CA GLU A 30 -2.77 -14.09 25.91
C GLU A 30 -3.24 -14.32 24.45
C GLU A 30 -3.20 -14.28 24.45
N HIS A 31 -2.24 -14.52 23.55
CA HIS A 31 -2.56 -14.67 22.11
C HIS A 31 -2.72 -16.14 21.69
N ARG A 32 -3.66 -16.37 20.72
CA ARG A 32 -4.03 -17.71 20.23
C ARG A 32 -2.86 -18.39 19.53
N ASP A 33 -1.87 -17.63 19.08
CA ASP A 33 -0.72 -18.25 18.41
C ASP A 33 0.37 -18.75 19.39
N GLY A 34 0.17 -18.57 20.71
CA GLY A 34 1.13 -19.01 21.71
C GLY A 34 2.40 -18.17 21.76
N GLY A 35 2.39 -17.00 21.10
CA GLY A 35 3.55 -16.12 21.08
C GLY A 35 4.37 -16.15 19.81
N ASN A 36 3.97 -16.93 18.80
CA ASN A 36 4.72 -17.03 17.53
C ASN A 36 5.06 -15.67 16.92
N ALA A 37 4.02 -14.82 16.73
CA ALA A 37 4.24 -13.57 16.02
C ALA A 37 4.95 -12.47 16.81
N GLY A 38 4.53 -12.25 18.05
CA GLY A 38 5.04 -11.13 18.84
C GLY A 38 6.13 -11.51 19.82
N GLY A 39 6.31 -12.80 20.04
CA GLY A 39 7.28 -13.28 21.03
C GLY A 39 6.59 -13.72 22.31
N ILE A 40 7.34 -14.32 23.22
CA ILE A 40 6.80 -14.82 24.49
C ILE A 40 7.17 -13.88 25.64
N PHE A 41 6.12 -13.26 26.24
CA PHE A 41 6.32 -12.30 27.34
C PHE A 41 5.01 -12.05 28.09
N ASN A 42 5.13 -11.51 29.32
CA ASN A 42 4.01 -11.11 30.18
C ASN A 42 4.08 -9.62 30.46
N ARG A 43 5.24 -8.99 30.15
CA ARG A 43 5.48 -7.58 30.39
C ARG A 43 6.54 -7.03 29.46
N TYR A 44 6.53 -5.69 29.31
CA TYR A 44 7.55 -5.01 28.55
C TYR A 44 8.53 -4.29 29.48
N ASN A 45 9.69 -3.95 28.90
CA ASN A 45 10.68 -3.06 29.50
C ASN A 45 10.58 -1.82 28.65
N VAL A 46 9.98 -0.75 29.19
CA VAL A 46 9.88 0.52 28.45
C VAL A 46 11.23 1.24 28.54
N ILE A 47 11.81 1.55 27.36
CA ILE A 47 13.10 2.25 27.27
C ILE A 47 12.86 3.78 27.34
N ARG A 48 11.93 4.28 26.53
CA ARG A 48 11.57 5.69 26.54
C ARG A 48 10.25 5.88 25.88
N ILE A 49 9.63 6.99 26.21
CA ILE A 49 8.38 7.42 25.60
C ILE A 49 8.60 8.84 25.14
N GLN A 50 8.28 9.10 23.88
CA GLN A 50 8.45 10.43 23.26
C GLN A 50 7.14 10.91 22.69
N LYS A 51 6.86 12.23 22.86
CA LYS A 51 5.70 12.88 22.25
C LYS A 51 6.11 13.33 20.85
N VAL A 52 5.29 13.05 19.85
CA VAL A 52 5.60 13.38 18.46
C VAL A 52 4.91 14.70 18.12
N VAL A 53 5.71 15.67 17.66
CA VAL A 53 5.18 16.96 17.26
C VAL A 53 5.47 17.20 15.78
N ASN A 54 4.41 17.30 14.99
CA ASN A 54 4.54 17.59 13.57
C ASN A 54 3.40 18.57 13.22
N LYS A 55 3.78 19.81 12.87
CA LYS A 55 2.84 20.87 12.58
C LYS A 55 1.87 20.49 11.47
N LYS A 56 2.41 19.98 10.33
CA LYS A 56 1.59 19.61 9.16
C LYS A 56 0.62 18.48 9.48
N LEU A 57 1.10 17.43 10.17
CA LEU A 57 0.26 16.30 10.53
C LEU A 57 -0.84 16.73 11.47
N ARG A 58 -0.49 17.57 12.46
CA ARG A 58 -1.50 18.10 13.40
C ARG A 58 -2.57 18.89 12.64
N GLU A 59 -2.17 19.76 11.67
CA GLU A 59 -3.14 20.55 10.92
C GLU A 59 -4.13 19.65 10.18
N ARG A 60 -3.62 18.60 9.49
CA ARG A 60 -4.51 17.68 8.73
C ARG A 60 -5.46 16.95 9.68
N PHE A 61 -4.93 16.54 10.82
CA PHE A 61 -5.72 15.82 11.83
C PHE A 61 -6.82 16.70 12.40
N CYS A 62 -6.49 17.95 12.80
CA CYS A 62 -7.46 18.86 13.39
C CYS A 62 -8.56 19.25 12.38
N HIS A 63 -8.17 19.46 11.12
CA HIS A 63 -9.10 19.77 10.03
C HIS A 63 -10.12 18.63 9.87
N ARG A 64 -9.62 17.38 9.82
CA ARG A 64 -10.49 16.21 9.67
C ARG A 64 -11.36 16.00 10.90
N GLN A 65 -10.79 16.26 12.09
CA GLN A 65 -11.51 16.09 13.37
C GLN A 65 -12.79 16.95 13.41
N LYS A 66 -12.70 18.21 12.94
CA LYS A 66 -13.83 19.17 12.85
C LYS A 66 -14.91 18.62 11.88
N GLU A 67 -14.51 18.10 10.70
CA GLU A 67 -15.47 17.50 9.74
C GLU A 67 -16.22 16.31 10.37
N VAL A 68 -15.48 15.44 11.09
CA VAL A 68 -16.09 14.26 11.69
C VAL A 68 -17.06 14.69 12.82
N SER A 69 -16.61 15.63 13.71
CA SER A 69 -17.44 16.14 14.81
C SER A 69 -18.80 16.63 14.27
N GLU A 70 -18.77 17.41 13.15
CA GLU A 70 -20.00 17.92 12.51
C GLU A 70 -20.95 16.83 12.05
N GLU A 71 -20.41 15.67 11.66
CA GLU A 71 -21.17 14.52 11.14
C GLU A 71 -21.51 13.51 12.23
N ASN A 72 -21.11 13.83 13.46
CA ASN A 72 -21.36 12.93 14.61
C ASN A 72 -21.93 13.72 15.82
N HIS A 73 -22.91 14.60 15.55
CA HIS A 73 -23.61 15.36 16.60
C HIS A 73 -22.68 16.18 17.52
N ASN A 74 -21.58 16.73 16.93
CA ASN A 74 -20.56 17.54 17.56
C ASN A 74 -19.67 16.74 18.52
N HIS A 75 -19.47 15.42 18.22
CA HIS A 75 -18.59 14.59 19.04
C HIS A 75 -17.58 13.89 18.11
N HIS A 76 -16.30 14.29 18.14
CA HIS A 76 -15.33 13.63 17.26
C HIS A 76 -15.09 12.17 17.66
N ASN A 77 -15.30 11.85 18.97
CA ASN A 77 -15.17 10.49 19.47
C ASN A 77 -13.76 9.91 19.22
N GLU A 78 -12.80 10.47 19.96
CA GLU A 78 -11.41 10.02 19.88
C GLU A 78 -11.15 8.88 20.88
N ARG A 79 -10.29 7.92 20.47
CA ARG A 79 -9.76 6.91 21.37
C ARG A 79 -8.27 6.87 21.18
N MET A 80 -7.55 6.52 22.24
CA MET A 80 -6.09 6.37 22.18
C MET A 80 -5.88 4.88 21.92
N LEU A 81 -5.19 4.53 20.82
CA LEU A 81 -5.06 3.12 20.38
C LEU A 81 -3.65 2.84 19.88
N PHE A 82 -3.22 1.56 19.96
CA PHE A 82 -1.85 1.21 19.59
C PHE A 82 -1.73 0.92 18.11
N HIS A 83 -0.52 1.13 17.56
CA HIS A 83 -0.23 0.79 16.17
C HIS A 83 1.22 0.28 16.13
N GLY A 84 1.41 -0.94 15.63
CA GLY A 84 2.73 -1.52 15.42
C GLY A 84 3.00 -1.63 13.93
N SER A 85 4.21 -1.32 13.49
CA SER A 85 4.50 -1.35 12.05
C SER A 85 6.01 -1.29 11.84
N PRO A 86 6.55 -2.00 10.82
CA PRO A 86 7.99 -1.80 10.53
C PRO A 86 8.22 -0.45 9.85
N PHE A 87 7.14 0.33 9.56
CA PHE A 87 7.24 1.63 8.90
C PHE A 87 6.94 2.82 9.83
N ILE A 88 7.17 2.66 11.15
CA ILE A 88 6.90 3.73 12.11
C ILE A 88 7.70 4.99 11.78
N ASN A 89 8.98 4.86 11.31
CA ASN A 89 9.73 6.06 10.95
C ASN A 89 9.03 6.89 9.85
N ALA A 90 8.44 6.25 8.83
CA ALA A 90 7.73 7.03 7.82
C ALA A 90 6.44 7.66 8.40
N ILE A 91 5.71 6.90 9.22
CA ILE A 91 4.46 7.40 9.80
C ILE A 91 4.70 8.66 10.64
N ILE A 92 5.78 8.71 11.43
CA ILE A 92 5.98 9.88 12.29
C ILE A 92 6.39 11.12 11.49
N HIS A 93 6.84 10.92 10.24
CA HIS A 93 7.25 12.03 9.41
C HIS A 93 6.22 12.41 8.39
N LYS A 94 5.53 11.41 7.81
CA LYS A 94 4.57 11.60 6.72
C LYS A 94 3.10 11.34 7.09
N GLY A 95 2.86 10.77 8.28
CA GLY A 95 1.52 10.41 8.73
C GLY A 95 1.09 9.04 8.21
N PHE A 96 -0.12 8.61 8.58
CA PHE A 96 -0.67 7.35 8.09
C PHE A 96 -1.17 7.58 6.67
N ASP A 97 -1.15 6.53 5.86
CA ASP A 97 -1.55 6.66 4.45
C ASP A 97 -2.35 5.42 4.04
N GLU A 98 -3.67 5.60 3.85
CA GLU A 98 -4.56 4.50 3.46
C GLU A 98 -4.21 3.83 2.10
N ARG A 99 -3.43 4.51 1.26
CA ARG A 99 -3.02 3.94 -0.02
C ARG A 99 -2.11 2.74 0.14
N HIS A 100 -1.42 2.67 1.31
CA HIS A 100 -0.56 1.55 1.66
C HIS A 100 -1.35 0.35 2.23
N ALA A 101 -2.70 0.43 2.29
CA ALA A 101 -3.52 -0.66 2.80
C ALA A 101 -3.68 -1.73 1.73
N GLY A 104 -5.85 -7.72 2.34
CA GLY A 104 -6.14 -8.93 3.13
C GLY A 104 -6.72 -8.70 4.52
N GLY A 105 -6.89 -7.43 4.92
CA GLY A 105 -7.46 -7.08 6.21
C GLY A 105 -8.91 -7.50 6.35
N MET A 106 -9.28 -7.86 7.59
CA MET A 106 -10.60 -8.31 7.98
C MET A 106 -11.68 -7.28 7.69
N PHE A 107 -11.30 -5.98 7.69
CA PHE A 107 -12.28 -4.93 7.41
C PHE A 107 -11.93 -4.13 6.18
N GLY A 108 -11.18 -4.76 5.29
CA GLY A 108 -10.82 -4.10 4.04
C GLY A 108 -9.63 -3.17 4.11
N ALA A 109 -9.62 -2.22 3.17
CA ALA A 109 -8.49 -1.33 2.92
C ALA A 109 -8.40 -0.16 3.84
N GLY A 110 -8.18 -0.44 5.11
CA GLY A 110 -8.04 0.63 6.08
C GLY A 110 -6.73 0.63 6.81
N ILE A 111 -6.69 1.43 7.87
CA ILE A 111 -5.53 1.55 8.75
C ILE A 111 -6.05 1.02 10.06
N TYR A 112 -5.29 0.07 10.63
CA TYR A 112 -5.72 -0.72 11.75
C TYR A 112 -5.04 -0.39 13.05
N PHE A 113 -5.81 -0.38 14.15
CA PHE A 113 -5.27 -0.10 15.50
C PHE A 113 -5.83 -1.10 16.47
N ALA A 114 -5.09 -1.34 17.56
CA ALA A 114 -5.55 -2.27 18.58
C ALA A 114 -5.74 -1.54 19.91
N GLU A 115 -6.66 -2.02 20.76
CA GLU A 115 -6.73 -1.46 22.11
C GLU A 115 -5.81 -2.28 23.06
N ASN A 116 -5.27 -3.43 22.56
CA ASN A 116 -4.36 -4.30 23.32
C ASN A 116 -2.97 -4.16 22.70
N SER A 117 -2.01 -3.59 23.48
CA SER A 117 -0.66 -3.36 22.95
C SER A 117 -0.01 -4.65 22.39
N SER A 118 -0.29 -5.79 23.04
CA SER A 118 0.32 -7.06 22.57
C SER A 118 -0.15 -7.45 21.18
N LYS A 119 -1.39 -7.04 20.78
CA LYS A 119 -1.87 -7.31 19.42
C LYS A 119 -1.04 -6.47 18.40
N SER A 120 -0.85 -5.15 18.69
CA SER A 120 -0.02 -4.31 17.83
C SER A 120 1.43 -4.83 17.81
N ASN A 121 1.91 -5.39 18.95
CA ASN A 121 3.27 -5.93 19.00
C ASN A 121 3.50 -7.09 17.98
N GLN A 122 2.43 -7.83 17.61
CA GLN A 122 2.54 -8.93 16.64
C GLN A 122 2.89 -8.43 15.25
N TYR A 123 2.81 -7.10 15.01
CA TYR A 123 3.02 -6.49 13.69
C TYR A 123 4.26 -5.63 13.54
N VAL A 124 4.99 -5.43 14.63
N VAL A 124 5.02 -5.40 14.64
CA VAL A 124 6.19 -4.61 14.67
CA VAL A 124 6.19 -4.53 14.57
C VAL A 124 7.23 -5.04 13.60
C VAL A 124 7.25 -5.03 13.57
N TYR A 125 7.40 -6.37 13.39
CA TYR A 125 8.40 -6.87 12.42
C TYR A 125 7.78 -7.43 11.12
N GLY A 126 6.48 -7.24 10.95
CA GLY A 126 5.71 -7.63 9.77
C GLY A 126 4.56 -8.57 10.10
N ILE A 127 3.83 -9.03 9.06
CA ILE A 127 2.75 -10.00 9.26
C ILE A 127 3.32 -11.27 9.85
N GLY A 128 2.70 -11.75 10.92
CA GLY A 128 3.14 -12.91 11.68
C GLY A 128 4.50 -12.67 12.33
N GLY A 129 4.91 -11.41 12.43
CA GLY A 129 6.23 -11.06 12.98
C GLY A 129 7.37 -11.19 11.97
N GLY A 130 7.08 -11.65 10.75
CA GLY A 130 8.10 -11.83 9.72
C GLY A 130 9.20 -12.76 10.22
N THR A 131 10.47 -12.38 9.99
CA THR A 131 11.61 -13.13 10.51
C THR A 131 12.16 -12.42 11.73
N GLY A 132 11.35 -11.59 12.37
CA GLY A 132 11.74 -10.98 13.63
C GLY A 132 12.72 -9.85 13.49
N CYS A 133 13.47 -9.61 14.57
CA CYS A 133 14.41 -8.48 14.58
C CYS A 133 15.43 -8.58 13.43
N PRO A 134 15.88 -7.44 12.89
CA PRO A 134 16.87 -7.48 11.79
C PRO A 134 18.21 -8.11 12.16
N THR A 135 18.69 -7.87 13.40
CA THR A 135 20.00 -8.37 13.86
C THR A 135 20.07 -9.88 14.09
N HIS A 136 19.10 -10.46 14.82
CA HIS A 136 19.11 -11.87 15.22
C HIS A 136 18.12 -12.76 14.52
N LYS A 137 17.20 -12.16 13.72
CA LYS A 137 16.12 -12.91 13.02
C LYS A 137 15.29 -13.71 14.04
N ASP A 138 14.93 -13.04 15.14
CA ASP A 138 14.18 -13.69 16.19
C ASP A 138 12.91 -12.89 16.46
N ARG A 139 11.72 -13.52 16.25
CA ARG A 139 10.42 -12.88 16.53
C ARG A 139 10.24 -12.63 18.04
N SER A 140 10.98 -13.40 18.85
CA SER A 140 10.94 -13.26 20.29
C SER A 140 12.20 -12.64 20.85
N CYS A 141 12.88 -11.76 20.08
CA CYS A 141 14.14 -11.19 20.58
C CYS A 141 13.89 -10.37 21.86
N TYR A 142 14.69 -10.65 22.89
CA TYR A 142 14.67 -9.96 24.20
C TYR A 142 15.76 -8.90 24.29
N ILE A 143 16.53 -8.70 23.20
CA ILE A 143 17.62 -7.71 23.21
C ILE A 143 17.26 -6.44 22.42
N CYS A 144 16.88 -6.62 21.16
CA CYS A 144 16.60 -5.49 20.28
C CYS A 144 15.44 -4.64 20.73
N HIS A 145 15.61 -3.33 20.57
CA HIS A 145 14.58 -2.34 20.93
C HIS A 145 13.55 -2.27 19.82
N ARG A 146 12.28 -2.37 20.21
CA ARG A 146 11.13 -2.27 19.32
C ARG A 146 10.48 -0.95 19.52
N GLN A 147 9.65 -0.54 18.57
CA GLN A 147 8.90 0.69 18.70
C GLN A 147 7.46 0.45 18.38
N MET A 148 6.58 1.12 19.12
CA MET A 148 5.17 1.13 18.73
C MET A 148 4.61 2.50 18.96
N LEU A 149 3.49 2.80 18.31
CA LEU A 149 2.86 4.11 18.50
C LEU A 149 1.61 3.98 19.37
N PHE A 150 1.32 5.03 20.16
CA PHE A 150 0.05 5.09 20.91
C PHE A 150 -0.55 6.38 20.34
N CYS A 151 -1.58 6.22 19.52
CA CYS A 151 -2.16 7.23 18.64
C CYS A 151 -3.48 7.78 19.07
N ARG A 152 -3.74 9.08 18.68
CA ARG A 152 -5.08 9.65 18.81
C ARG A 152 -5.82 9.20 17.55
N VAL A 153 -6.95 8.48 17.70
CA VAL A 153 -7.72 8.00 16.55
C VAL A 153 -9.11 8.57 16.60
N THR A 154 -9.47 9.30 15.56
CA THR A 154 -10.81 9.92 15.44
C THR A 154 -11.73 8.88 14.92
N LEU A 155 -12.61 8.30 15.79
CA LEU A 155 -13.53 7.26 15.35
C LEU A 155 -14.85 7.80 14.83
N GLY A 156 -15.28 8.99 15.31
CA GLY A 156 -16.56 9.54 14.89
C GLY A 156 -17.71 8.58 15.11
N LYS A 157 -18.57 8.47 14.12
CA LYS A 157 -19.69 7.56 14.15
C LYS A 157 -19.15 6.21 13.66
N SER A 158 -18.99 5.26 14.58
CA SER A 158 -18.38 3.98 14.24
C SER A 158 -19.39 2.89 13.91
N PHE A 159 -18.96 1.97 13.06
CA PHE A 159 -19.79 0.82 12.64
C PHE A 159 -19.20 -0.41 13.28
N LEU A 160 -19.92 -1.00 14.23
CA LEU A 160 -19.43 -2.14 14.99
C LEU A 160 -19.83 -3.46 14.37
N GLN A 161 -18.85 -4.36 14.22
CA GLN A 161 -19.11 -5.71 13.67
C GLN A 161 -18.33 -6.77 14.43
N PHE A 162 -18.85 -8.02 14.39
CA PHE A 162 -18.12 -9.14 14.99
C PHE A 162 -17.45 -9.92 13.84
N SER A 163 -18.09 -10.02 12.66
CA SER A 163 -17.44 -10.79 11.58
C SER A 163 -16.90 -9.89 10.49
N THR A 164 -16.04 -10.47 9.65
CA THR A 164 -15.42 -9.73 8.56
C THR A 164 -16.44 -8.95 7.71
N MET A 165 -16.03 -7.75 7.28
N MET A 165 -16.02 -7.79 7.21
CA MET A 165 -16.85 -6.88 6.42
CA MET A 165 -16.86 -6.97 6.35
C MET A 165 -15.83 -6.05 5.65
C MET A 165 -15.86 -6.09 5.64
N LYS A 166 -15.48 -6.53 4.45
CA LYS A 166 -14.43 -5.90 3.67
C LYS A 166 -14.95 -4.72 2.94
N MET A 167 -14.39 -3.54 3.25
CA MET A 167 -14.84 -2.34 2.58
C MET A 167 -13.67 -1.47 2.24
N ALA A 168 -13.91 -0.55 1.32
CA ALA A 168 -12.91 0.40 0.88
C ALA A 168 -12.91 1.67 1.71
N HIS A 169 -14.10 2.05 2.21
CA HIS A 169 -14.34 3.29 2.98
C HIS A 169 -15.31 2.95 4.09
N ALA A 170 -15.43 3.85 5.10
CA ALA A 170 -16.42 3.61 6.15
C ALA A 170 -17.83 3.57 5.50
N PRO A 171 -18.81 2.91 6.14
CA PRO A 171 -20.17 2.91 5.60
C PRO A 171 -20.74 4.33 5.51
N PRO A 172 -21.76 4.58 4.65
CA PRO A 172 -22.32 5.95 4.56
C PRO A 172 -22.66 6.54 5.92
N GLY A 173 -22.29 7.78 6.12
CA GLY A 173 -22.54 8.52 7.35
C GLY A 173 -21.59 8.16 8.48
N HIS A 174 -20.73 7.12 8.31
CA HIS A 174 -19.84 6.66 9.38
C HIS A 174 -18.40 7.08 9.11
N HIS A 175 -17.54 6.91 10.12
CA HIS A 175 -16.14 7.34 10.03
C HIS A 175 -15.14 6.27 10.35
N SER A 176 -15.59 5.13 10.88
CA SER A 176 -14.65 4.07 11.28
C SER A 176 -15.44 2.80 11.40
N VAL A 177 -14.69 1.68 11.54
CA VAL A 177 -15.22 0.35 11.76
C VAL A 177 -14.57 -0.21 12.97
N ILE A 178 -15.37 -0.86 13.87
CA ILE A 178 -14.84 -1.50 15.07
C ILE A 178 -15.15 -2.97 14.96
N GLY A 179 -14.10 -3.78 15.10
CA GLY A 179 -14.29 -5.22 15.13
C GLY A 179 -14.24 -5.63 16.59
N ARG A 180 -15.33 -6.23 17.12
CA ARG A 180 -15.29 -6.65 18.52
C ARG A 180 -15.03 -8.15 18.61
N PRO A 181 -14.46 -8.60 19.74
CA PRO A 181 -14.26 -10.07 19.93
C PRO A 181 -15.58 -10.83 20.04
N SER A 182 -15.52 -12.10 19.71
CA SER A 182 -16.67 -12.99 19.85
C SER A 182 -16.14 -14.41 19.84
N VAL A 183 -16.92 -15.37 20.39
CA VAL A 183 -16.50 -16.77 20.33
C VAL A 183 -16.63 -17.16 18.84
N ASN A 184 -15.58 -17.79 18.29
CA ASN A 184 -15.51 -18.17 16.86
C ASN A 184 -15.24 -16.98 15.95
N GLY A 185 -14.93 -15.81 16.54
CA GLY A 185 -14.60 -14.60 15.80
C GLY A 185 -13.25 -14.08 16.24
N LEU A 186 -13.12 -12.74 16.37
CA LEU A 186 -11.86 -12.12 16.80
C LEU A 186 -11.57 -12.43 18.24
N ALA A 187 -10.28 -12.60 18.55
CA ALA A 187 -9.87 -12.81 19.93
C ALA A 187 -9.93 -11.47 20.71
N TYR A 188 -9.49 -10.39 20.07
CA TYR A 188 -9.41 -9.04 20.65
C TYR A 188 -9.91 -8.05 19.65
N ALA A 189 -10.26 -6.83 20.13
CA ALA A 189 -10.84 -5.85 19.20
C ALA A 189 -9.85 -5.27 18.23
N GLU A 190 -10.36 -4.63 17.19
CA GLU A 190 -9.54 -3.86 16.26
C GLU A 190 -10.36 -2.69 15.76
N TYR A 191 -9.68 -1.61 15.39
CA TYR A 191 -10.30 -0.35 15.05
C TYR A 191 -9.74 0.07 13.72
N VAL A 192 -10.62 0.39 12.78
CA VAL A 192 -10.23 0.70 11.41
C VAL A 192 -10.75 2.02 10.93
N ILE A 193 -9.83 2.82 10.40
CA ILE A 193 -10.14 4.09 9.72
C ILE A 193 -9.71 3.98 8.25
N TYR A 194 -10.32 4.80 7.38
CA TYR A 194 -10.07 4.66 5.95
C TYR A 194 -9.49 5.95 5.34
N ARG A 195 -9.01 6.86 6.23
CA ARG A 195 -8.37 8.12 5.88
C ARG A 195 -7.24 8.31 6.89
N GLY A 196 -6.03 8.49 6.37
CA GLY A 196 -4.85 8.63 7.22
C GLY A 196 -4.89 9.81 8.15
N GLU A 197 -5.57 10.88 7.74
CA GLU A 197 -5.68 12.08 8.56
C GLU A 197 -6.60 11.87 9.80
N GLN A 198 -7.19 10.69 9.94
CA GLN A 198 -8.02 10.39 11.10
C GLN A 198 -7.22 9.81 12.26
N ALA A 199 -5.89 9.79 12.15
CA ALA A 199 -5.09 9.36 13.32
C ALA A 199 -3.85 10.25 13.42
N TYR A 200 -3.45 10.51 14.66
CA TYR A 200 -2.27 11.29 14.93
C TYR A 200 -1.34 10.45 15.75
N PRO A 201 -0.07 10.28 15.34
CA PRO A 201 0.84 9.39 16.10
C PRO A 201 1.41 10.10 17.32
N GLU A 202 0.60 10.25 18.37
CA GLU A 202 0.89 11.02 19.56
C GLU A 202 2.15 10.59 20.33
N TYR A 203 2.28 9.29 20.63
CA TYR A 203 3.42 8.84 21.41
C TYR A 203 4.22 7.81 20.65
N LEU A 204 5.54 7.87 20.79
CA LEU A 204 6.43 6.88 20.21
C LEU A 204 7.05 6.19 21.39
N ILE A 205 6.77 4.88 21.53
CA ILE A 205 7.25 4.09 22.63
C ILE A 205 8.36 3.17 22.13
N THR A 206 9.53 3.24 22.79
CA THR A 206 10.66 2.33 22.51
C THR A 206 10.69 1.35 23.68
N TYR A 207 10.78 0.05 23.37
CA TYR A 207 10.66 -0.96 24.39
C TYR A 207 11.30 -2.28 24.01
N GLN A 208 11.40 -3.15 24.99
CA GLN A 208 11.80 -4.56 24.80
C GLN A 208 10.71 -5.44 25.37
N ILE A 209 10.52 -6.65 24.82
CA ILE A 209 9.63 -7.59 25.50
C ILE A 209 10.53 -8.27 26.55
N MET A 210 9.94 -8.76 27.63
CA MET A 210 10.69 -9.40 28.72
C MET A 210 10.49 -10.89 28.77
N LYS A 211 11.61 -11.64 28.92
CA LYS A 211 11.52 -13.11 28.98
C LYS A 211 10.88 -13.53 30.31
N PRO A 212 9.82 -14.39 30.30
CA PRO A 212 9.17 -14.78 31.57
C PRO A 212 10.10 -15.60 32.47
N GLY B 4 -16.21 -44.66 6.42
CA GLY B 4 -16.21 -43.85 7.63
C GLY B 4 -16.63 -42.41 7.40
N THR B 5 -16.39 -41.87 6.18
CA THR B 5 -16.74 -40.49 5.85
C THR B 5 -18.19 -40.33 5.36
N ILE B 6 -18.86 -39.31 5.92
CA ILE B 6 -20.20 -38.87 5.53
C ILE B 6 -20.07 -37.40 5.15
N LEU B 7 -20.77 -37.00 4.08
CA LEU B 7 -20.77 -35.61 3.64
C LEU B 7 -22.10 -34.96 4.01
N LEU B 8 -22.05 -33.83 4.71
CA LEU B 8 -23.29 -33.10 5.11
C LEU B 8 -23.42 -31.86 4.30
N ASP B 9 -24.49 -31.77 3.52
CA ASP B 9 -24.69 -30.60 2.64
C ASP B 9 -25.10 -29.37 3.45
N LEU B 10 -24.40 -28.26 3.26
CA LEU B 10 -24.73 -27.02 3.98
C LEU B 10 -25.71 -26.17 3.20
N ALA B 11 -26.73 -25.63 3.88
CA ALA B 11 -27.72 -24.78 3.22
C ALA B 11 -27.11 -23.43 2.80
N PRO B 12 -27.32 -22.95 1.55
CA PRO B 12 -26.80 -21.61 1.18
C PRO B 12 -27.27 -20.46 2.09
N GLU B 13 -28.44 -20.65 2.74
CA GLU B 13 -29.03 -19.70 3.69
C GLU B 13 -28.28 -19.70 5.05
N ASP B 14 -27.54 -20.79 5.37
CA ASP B 14 -26.80 -20.96 6.62
C ASP B 14 -25.61 -20.00 6.70
N LYS B 15 -25.39 -19.41 7.90
CA LYS B 15 -24.26 -18.50 8.14
C LYS B 15 -22.92 -19.20 7.91
N GLU B 16 -22.84 -20.52 8.18
CA GLU B 16 -21.63 -21.33 7.99
C GLU B 16 -21.23 -21.40 6.51
N TYR B 17 -22.18 -21.76 5.62
CA TYR B 17 -21.97 -21.77 4.17
C TYR B 17 -21.48 -20.39 3.71
N GLN B 18 -22.18 -19.32 4.16
CA GLN B 18 -21.86 -17.95 3.75
C GLN B 18 -20.46 -17.53 4.24
N SER B 19 -20.07 -17.98 5.46
CA SER B 19 -18.73 -17.67 5.98
C SER B 19 -17.63 -18.28 5.08
N VAL B 20 -17.83 -19.56 4.70
CA VAL B 20 -16.89 -20.31 3.86
C VAL B 20 -16.84 -19.69 2.44
N GLU B 21 -18.00 -19.41 1.85
CA GLU B 21 -18.01 -18.79 0.51
C GLU B 21 -17.28 -17.44 0.55
N GLU B 22 -17.52 -16.63 1.60
CA GLU B 22 -16.88 -15.32 1.70
C GLU B 22 -15.36 -15.45 1.79
N GLU B 23 -14.85 -16.41 2.59
CA GLU B 23 -13.39 -16.61 2.67
C GLU B 23 -12.85 -17.08 1.32
N MET B 24 -13.58 -17.96 0.63
CA MET B 24 -13.14 -18.41 -0.68
C MET B 24 -13.07 -17.26 -1.71
N GLN B 25 -14.14 -16.45 -1.82
CA GLN B 25 -14.21 -15.37 -2.78
C GLN B 25 -13.22 -14.22 -2.47
N SER B 26 -13.14 -13.83 -1.19
CA SER B 26 -12.35 -12.66 -0.79
C SER B 26 -10.86 -12.86 -0.88
N THR B 27 -10.37 -14.14 -0.86
CA THR B 27 -8.93 -14.44 -0.88
C THR B 27 -8.39 -14.70 -2.29
N ILE B 28 -9.24 -14.52 -3.34
CA ILE B 28 -8.75 -14.61 -4.72
C ILE B 28 -7.73 -13.50 -4.94
N ARG B 29 -6.62 -13.82 -5.59
CA ARG B 29 -5.60 -12.82 -5.90
C ARG B 29 -5.14 -12.93 -7.35
N GLU B 30 -4.40 -11.90 -7.83
CA GLU B 30 -3.84 -11.86 -9.18
C GLU B 30 -2.57 -12.73 -9.23
N HIS B 31 -2.52 -13.76 -10.09
CA HIS B 31 -1.35 -14.65 -10.12
C HIS B 31 -0.33 -14.24 -11.17
N ARG B 32 0.97 -14.41 -10.84
CA ARG B 32 2.09 -14.04 -11.73
C ARG B 32 2.08 -14.80 -13.07
N ASP B 33 1.40 -15.95 -13.15
CA ASP B 33 1.39 -16.71 -14.39
C ASP B 33 0.28 -16.21 -15.39
N GLY B 34 -0.49 -15.19 -14.99
CA GLY B 34 -1.54 -14.60 -15.81
C GLY B 34 -2.76 -15.49 -16.00
N GLY B 35 -2.90 -16.51 -15.14
CA GLY B 35 -4.02 -17.44 -15.21
C GLY B 35 -3.67 -18.81 -15.79
N ASN B 36 -2.40 -19.07 -16.17
CA ASN B 36 -2.09 -20.36 -16.82
C ASN B 36 -2.55 -21.58 -16.06
N ALA B 37 -2.14 -21.67 -14.80
CA ALA B 37 -2.42 -22.89 -14.04
C ALA B 37 -3.86 -23.07 -13.60
N GLY B 38 -4.46 -22.01 -13.07
CA GLY B 38 -5.78 -22.13 -12.48
C GLY B 38 -6.90 -21.63 -13.36
N GLY B 39 -6.56 -20.93 -14.45
CA GLY B 39 -7.61 -20.34 -15.28
C GLY B 39 -7.75 -18.85 -15.06
N ILE B 40 -8.52 -18.21 -15.94
CA ILE B 40 -8.69 -16.77 -15.88
C ILE B 40 -10.06 -16.47 -15.25
N PHE B 41 -10.05 -15.80 -14.10
CA PHE B 41 -11.31 -15.51 -13.38
C PHE B 41 -11.05 -14.46 -12.29
N ASN B 42 -12.12 -13.78 -11.86
CA ASN B 42 -12.08 -12.83 -10.73
C ASN B 42 -13.00 -13.33 -9.62
N ARG B 43 -13.87 -14.33 -9.92
CA ARG B 43 -14.84 -14.82 -8.97
C ARG B 43 -15.18 -16.29 -9.25
N TYR B 44 -15.66 -17.02 -8.23
CA TYR B 44 -16.12 -18.38 -8.42
C TYR B 44 -17.63 -18.39 -8.41
N ASN B 45 -18.19 -19.45 -8.98
CA ASN B 45 -19.60 -19.80 -8.84
C ASN B 45 -19.62 -21.04 -7.90
N VAL B 46 -20.01 -20.84 -6.63
CA VAL B 46 -20.06 -21.95 -5.67
C VAL B 46 -21.30 -22.80 -5.97
N ILE B 47 -21.12 -24.11 -6.20
CA ILE B 47 -22.21 -25.07 -6.51
C ILE B 47 -22.80 -25.62 -5.20
N ARG B 48 -21.91 -26.09 -4.31
CA ARG B 48 -22.27 -26.61 -2.99
C ARG B 48 -21.08 -26.61 -2.04
N ILE B 49 -21.38 -26.69 -0.75
CA ILE B 49 -20.36 -26.80 0.27
C ILE B 49 -20.85 -27.88 1.18
N GLN B 50 -20.00 -28.89 1.45
CA GLN B 50 -20.33 -29.99 2.33
C GLN B 50 -19.34 -30.08 3.48
N LYS B 51 -19.82 -30.48 4.66
CA LYS B 51 -18.98 -30.71 5.82
C LYS B 51 -18.56 -32.17 5.81
N VAL B 52 -17.28 -32.43 6.04
CA VAL B 52 -16.73 -33.77 6.05
C VAL B 52 -16.79 -34.26 7.51
N VAL B 53 -17.49 -35.39 7.73
CA VAL B 53 -17.69 -36.00 9.05
C VAL B 53 -17.04 -37.38 9.03
N ASN B 54 -15.99 -37.54 9.84
CA ASN B 54 -15.29 -38.81 9.95
C ASN B 54 -14.78 -38.89 11.39
N LYS B 55 -15.46 -39.69 12.25
CA LYS B 55 -15.13 -39.79 13.68
C LYS B 55 -13.68 -40.19 13.95
N LYS B 56 -13.14 -41.16 13.19
CA LYS B 56 -11.76 -41.69 13.29
C LYS B 56 -10.73 -40.65 12.86
N LEU B 57 -10.99 -39.94 11.76
CA LEU B 57 -10.09 -38.86 11.34
C LEU B 57 -10.11 -37.73 12.37
N ARG B 58 -11.30 -37.37 12.88
CA ARG B 58 -11.44 -36.32 13.89
C ARG B 58 -10.67 -36.67 15.18
N GLU B 59 -10.76 -37.96 15.65
CA GLU B 59 -10.02 -38.38 16.85
C GLU B 59 -8.52 -38.17 16.67
N ARG B 60 -7.95 -38.63 15.52
CA ARG B 60 -6.52 -38.52 15.21
C ARG B 60 -6.09 -37.05 15.25
N PHE B 61 -6.93 -36.17 14.66
CA PHE B 61 -6.67 -34.75 14.61
C PHE B 61 -6.71 -34.11 16.01
N CYS B 62 -7.70 -34.48 16.81
N CYS B 62 -7.73 -34.49 16.80
CA CYS B 62 -7.85 -33.96 18.15
CA CYS B 62 -7.92 -34.02 18.17
C CYS B 62 -6.75 -34.44 19.10
C CYS B 62 -6.77 -34.43 19.07
N HIS B 63 -6.33 -35.69 18.96
CA HIS B 63 -5.23 -36.25 19.76
C HIS B 63 -3.93 -35.48 19.48
N ARG B 64 -3.69 -35.18 18.18
CA ARG B 64 -2.51 -34.43 17.81
C ARG B 64 -2.59 -32.95 18.28
N GLN B 65 -3.80 -32.37 18.25
CA GLN B 65 -4.05 -30.99 18.65
C GLN B 65 -3.60 -30.78 20.12
N LYS B 66 -3.90 -31.78 20.96
CA LYS B 66 -3.50 -31.79 22.38
C LYS B 66 -2.01 -31.79 22.55
N GLU B 67 -1.30 -32.68 21.80
CA GLU B 67 0.15 -32.81 21.84
C GLU B 67 0.84 -31.50 21.44
N VAL B 68 0.35 -30.89 20.33
CA VAL B 68 0.90 -29.65 19.80
C VAL B 68 0.70 -28.50 20.81
N SER B 69 -0.52 -28.39 21.35
CA SER B 69 -0.92 -27.38 22.35
C SER B 69 0.06 -27.40 23.55
N GLU B 70 0.36 -28.61 24.07
CA GLU B 70 1.31 -28.82 25.18
C GLU B 70 2.71 -28.30 24.87
N GLU B 71 3.14 -28.36 23.58
CA GLU B 71 4.45 -27.90 23.12
C GLU B 71 4.42 -26.43 22.65
N ASN B 72 3.25 -25.76 22.76
CA ASN B 72 3.12 -24.37 22.31
C ASN B 72 2.39 -23.50 23.32
N HIS B 73 2.79 -23.63 24.60
CA HIS B 73 2.21 -22.84 25.71
C HIS B 73 0.68 -22.93 25.81
N ASN B 74 0.12 -24.14 25.54
CA ASN B 74 -1.29 -24.51 25.59
C ASN B 74 -2.13 -23.83 24.49
N HIS B 75 -1.49 -23.55 23.35
CA HIS B 75 -2.17 -22.97 22.19
C HIS B 75 -1.88 -23.84 20.96
N HIS B 76 -2.90 -24.59 20.49
CA HIS B 76 -2.71 -25.46 19.31
C HIS B 76 -2.51 -24.60 18.02
N ASN B 77 -3.00 -23.37 18.04
CA ASN B 77 -2.82 -22.40 16.95
C ASN B 77 -3.34 -22.91 15.61
N GLU B 78 -4.66 -23.04 15.53
CA GLU B 78 -5.31 -23.51 14.32
C GLU B 78 -5.54 -22.36 13.37
N ARG B 79 -5.48 -22.64 12.08
CA ARG B 79 -5.90 -21.70 11.04
C ARG B 79 -6.73 -22.46 10.01
N MET B 80 -7.72 -21.81 9.40
CA MET B 80 -8.55 -22.37 8.34
C MET B 80 -7.79 -22.05 7.03
N LEU B 81 -7.44 -23.06 6.25
CA LEU B 81 -6.63 -22.82 5.01
C LEU B 81 -7.10 -23.71 3.88
N PHE B 82 -6.81 -23.29 2.65
CA PHE B 82 -7.28 -24.02 1.49
C PHE B 82 -6.31 -25.09 1.00
N HIS B 83 -6.88 -26.13 0.36
CA HIS B 83 -6.04 -27.19 -0.23
C HIS B 83 -6.69 -27.66 -1.53
N GLY B 84 -5.92 -27.58 -2.62
CA GLY B 84 -6.35 -28.03 -3.94
C GLY B 84 -5.58 -29.30 -4.28
N SER B 85 -6.26 -30.37 -4.77
CA SER B 85 -5.54 -31.62 -5.12
C SER B 85 -6.36 -32.48 -6.03
N PRO B 86 -5.74 -33.16 -7.00
CA PRO B 86 -6.52 -34.14 -7.79
C PRO B 86 -6.91 -35.35 -6.91
N PHE B 87 -6.28 -35.50 -5.74
CA PHE B 87 -6.50 -36.64 -4.82
C PHE B 87 -7.42 -36.31 -3.64
N ILE B 88 -8.25 -35.28 -3.82
CA ILE B 88 -9.21 -34.84 -2.81
C ILE B 88 -10.12 -35.99 -2.29
N ASN B 89 -10.61 -36.88 -3.19
CA ASN B 89 -11.47 -37.98 -2.73
C ASN B 89 -10.76 -38.90 -1.73
N ALA B 90 -9.47 -39.21 -1.96
CA ALA B 90 -8.71 -40.06 -1.04
C ALA B 90 -8.49 -39.30 0.28
N ILE B 91 -8.31 -37.95 0.21
CA ILE B 91 -8.11 -37.16 1.42
C ILE B 91 -9.37 -37.14 2.30
N ILE B 92 -10.55 -36.95 1.71
CA ILE B 92 -11.77 -36.90 2.52
C ILE B 92 -12.08 -38.26 3.13
N HIS B 93 -11.57 -39.37 2.54
CA HIS B 93 -11.84 -40.70 3.10
C HIS B 93 -10.78 -41.23 4.03
N LYS B 94 -9.48 -40.92 3.76
CA LYS B 94 -8.34 -41.44 4.52
C LYS B 94 -7.55 -40.39 5.30
N GLY B 95 -7.91 -39.12 5.11
CA GLY B 95 -7.21 -37.99 5.69
C GLY B 95 -5.96 -37.66 4.92
N PHE B 96 -5.24 -36.65 5.39
CA PHE B 96 -3.98 -36.28 4.78
C PHE B 96 -2.93 -37.29 5.21
N ASP B 97 -1.98 -37.57 4.31
CA ASP B 97 -0.93 -38.55 4.58
C ASP B 97 0.41 -38.00 4.07
N GLU B 98 1.31 -37.65 5.02
CA GLU B 98 2.63 -37.12 4.68
C GLU B 98 3.47 -38.09 3.84
N ARG B 99 3.14 -39.41 3.86
CA ARG B 99 3.93 -40.35 3.07
C ARG B 99 3.77 -40.13 1.58
N HIS B 100 2.73 -39.37 1.16
CA HIS B 100 2.54 -39.10 -0.28
C HIS B 100 3.33 -37.89 -0.71
N ALA B 101 4.03 -37.22 0.21
CA ALA B 101 4.80 -36.06 -0.16
C ALA B 101 5.99 -36.51 -1.01
N TYR B 102 6.23 -35.78 -2.10
CA TYR B 102 7.36 -36.11 -2.97
C TYR B 102 8.22 -34.87 -3.14
N ILE B 103 9.52 -35.06 -3.44
CA ILE B 103 10.53 -34.01 -3.62
C ILE B 103 10.08 -32.92 -4.60
N GLY B 104 10.36 -31.66 -4.26
CA GLY B 104 10.01 -30.55 -5.14
C GLY B 104 9.55 -29.28 -4.46
N GLY B 105 8.80 -29.42 -3.36
CA GLY B 105 8.27 -28.29 -2.62
C GLY B 105 9.36 -27.42 -2.01
N MET B 106 9.09 -26.11 -1.92
CA MET B 106 10.09 -25.17 -1.42
C MET B 106 10.38 -25.31 0.07
N PHE B 107 9.53 -26.07 0.78
CA PHE B 107 9.76 -26.32 2.19
C PHE B 107 9.93 -27.81 2.47
N GLY B 108 10.20 -28.56 1.42
CA GLY B 108 10.43 -29.98 1.58
C GLY B 108 9.19 -30.85 1.57
N ALA B 109 9.35 -32.04 2.14
CA ALA B 109 8.38 -33.11 2.05
C ALA B 109 7.24 -32.98 3.03
N GLY B 110 6.50 -31.88 2.86
CA GLY B 110 5.35 -31.61 3.71
C GLY B 110 4.04 -31.63 2.95
N ILE B 111 2.96 -31.21 3.68
CA ILE B 111 1.59 -31.09 3.14
C ILE B 111 1.36 -29.59 3.13
N TYR B 112 0.98 -29.05 1.98
CA TYR B 112 0.97 -27.61 1.71
C TYR B 112 -0.46 -27.04 1.64
N PHE B 113 -0.63 -25.82 2.21
CA PHE B 113 -1.93 -25.13 2.20
C PHE B 113 -1.73 -23.70 1.87
N ALA B 114 -2.79 -23.05 1.37
CA ALA B 114 -2.73 -21.63 1.03
C ALA B 114 -3.77 -20.87 1.82
N GLU B 115 -3.49 -19.58 2.11
CA GLU B 115 -4.51 -18.74 2.73
C GLU B 115 -5.35 -18.04 1.62
N ASN B 116 -4.87 -18.16 0.34
CA ASN B 116 -5.52 -17.61 -0.85
C ASN B 116 -6.12 -18.75 -1.67
N SER B 117 -7.44 -18.76 -1.81
CA SER B 117 -8.10 -19.88 -2.48
C SER B 117 -7.64 -20.03 -3.94
N SER B 118 -7.32 -18.89 -4.58
CA SER B 118 -6.88 -18.94 -5.98
C SER B 118 -5.51 -19.63 -6.13
N LYS B 119 -4.67 -19.59 -5.09
CA LYS B 119 -3.39 -20.33 -5.07
C LYS B 119 -3.69 -21.85 -5.02
N SER B 120 -4.61 -22.31 -4.13
CA SER B 120 -4.95 -23.75 -4.13
C SER B 120 -5.64 -24.16 -5.45
N ASN B 121 -6.42 -23.26 -6.07
CA ASN B 121 -7.08 -23.55 -7.33
C ASN B 121 -6.02 -23.90 -8.44
N GLN B 122 -4.79 -23.39 -8.33
CA GLN B 122 -3.75 -23.71 -9.32
C GLN B 122 -3.36 -25.21 -9.30
N TYR B 123 -3.71 -25.93 -8.21
CA TYR B 123 -3.28 -27.31 -8.01
C TYR B 123 -4.40 -28.34 -8.15
N VAL B 124 -5.65 -27.89 -8.33
CA VAL B 124 -6.80 -28.79 -8.44
C VAL B 124 -6.61 -29.86 -9.50
N TYR B 125 -6.03 -29.47 -10.66
CA TYR B 125 -5.81 -30.43 -11.75
C TYR B 125 -4.37 -30.92 -11.92
N GLY B 126 -3.51 -30.64 -10.95
CA GLY B 126 -2.11 -31.05 -10.94
C GLY B 126 -1.16 -29.87 -10.91
N ILE B 127 0.17 -30.13 -10.88
CA ILE B 127 1.14 -29.04 -10.88
C ILE B 127 0.98 -28.27 -12.19
N GLY B 128 0.95 -26.94 -12.08
CA GLY B 128 0.72 -26.09 -13.25
C GLY B 128 -0.67 -26.24 -13.83
N GLY B 129 -1.57 -26.91 -13.10
CA GLY B 129 -2.93 -27.20 -13.58
C GLY B 129 -3.00 -28.42 -14.50
N GLY B 130 -1.84 -29.08 -14.74
CA GLY B 130 -1.77 -30.24 -15.62
C GLY B 130 -2.34 -29.92 -16.98
N THR B 131 -3.15 -30.85 -17.54
CA THR B 131 -3.84 -30.59 -18.79
C THR B 131 -5.29 -30.16 -18.52
N GLY B 132 -5.58 -29.74 -17.30
CA GLY B 132 -6.90 -29.21 -16.97
C GLY B 132 -7.98 -30.25 -16.71
N CYS B 133 -9.25 -29.82 -16.89
CA CYS B 133 -10.37 -30.71 -16.59
C CYS B 133 -10.26 -32.02 -17.39
N PRO B 134 -10.70 -33.16 -16.82
CA PRO B 134 -10.61 -34.44 -17.59
C PRO B 134 -11.44 -34.43 -18.89
N THR B 135 -12.63 -33.80 -18.89
CA THR B 135 -13.54 -33.79 -20.04
C THR B 135 -13.05 -32.97 -21.23
N HIS B 136 -12.58 -31.72 -21.00
CA HIS B 136 -12.21 -30.83 -22.10
C HIS B 136 -10.70 -30.53 -22.17
N LYS B 137 -9.90 -31.08 -21.21
CA LYS B 137 -8.46 -30.84 -21.13
C LYS B 137 -8.20 -29.32 -21.14
N ASP B 138 -8.98 -28.59 -20.31
CA ASP B 138 -8.89 -27.16 -20.30
C ASP B 138 -8.58 -26.67 -18.88
N ARG B 139 -7.40 -26.05 -18.69
CA ARG B 139 -7.05 -25.54 -17.36
C ARG B 139 -7.96 -24.38 -16.93
N SER B 140 -8.59 -23.69 -17.91
CA SER B 140 -9.46 -22.56 -17.61
C SER B 140 -10.90 -22.95 -17.87
N CYS B 141 -11.25 -24.23 -17.66
CA CYS B 141 -12.62 -24.66 -17.94
C CYS B 141 -13.63 -23.91 -17.07
N TYR B 142 -14.71 -23.39 -17.69
CA TYR B 142 -15.78 -22.63 -17.03
C TYR B 142 -17.04 -23.47 -16.87
N ILE B 143 -16.97 -24.75 -17.36
CA ILE B 143 -18.10 -25.69 -17.36
C ILE B 143 -17.95 -26.70 -16.22
N CYS B 144 -16.81 -27.42 -16.19
CA CYS B 144 -16.63 -28.49 -15.23
C CYS B 144 -16.58 -28.03 -13.79
N HIS B 145 -17.17 -28.84 -12.91
CA HIS B 145 -17.18 -28.56 -11.48
C HIS B 145 -15.84 -29.01 -10.91
N ARG B 146 -15.18 -28.11 -10.18
CA ARG B 146 -13.95 -28.32 -9.47
C ARG B 146 -14.25 -28.51 -8.01
N GLN B 147 -13.31 -29.07 -7.27
CA GLN B 147 -13.44 -29.20 -5.84
C GLN B 147 -12.17 -28.72 -5.18
N MET B 148 -12.34 -28.15 -3.99
CA MET B 148 -11.21 -27.81 -3.16
C MET B 148 -11.62 -27.97 -1.70
N LEU B 149 -10.62 -28.13 -0.83
CA LEU B 149 -10.88 -28.26 0.60
C LEU B 149 -10.60 -26.95 1.35
N PHE B 150 -11.34 -26.66 2.43
CA PHE B 150 -11.09 -25.57 3.37
C PHE B 150 -10.94 -26.32 4.69
N CYS B 151 -9.71 -26.39 5.19
CA CYS B 151 -9.22 -27.27 6.24
C CYS B 151 -8.92 -26.60 7.53
N ARG B 152 -9.08 -27.35 8.65
CA ARG B 152 -8.56 -26.86 9.92
C ARG B 152 -7.11 -27.33 9.93
N VAL B 153 -6.15 -26.41 10.14
CA VAL B 153 -4.73 -26.80 10.10
C VAL B 153 -4.09 -26.42 11.45
N THR B 154 -3.54 -27.40 12.18
CA THR B 154 -2.88 -27.16 13.45
C THR B 154 -1.49 -26.70 13.15
N LEU B 155 -1.20 -25.41 13.33
CA LEU B 155 0.12 -24.87 13.06
C LEU B 155 1.07 -24.95 14.25
N GLY B 156 0.52 -24.86 15.46
CA GLY B 156 1.33 -24.87 16.68
C GLY B 156 2.38 -23.78 16.63
N LYS B 157 3.60 -24.16 17.02
CA LYS B 157 4.74 -23.26 16.99
C LYS B 157 5.28 -23.32 15.55
N SER B 158 5.08 -22.24 14.79
CA SER B 158 5.46 -22.19 13.37
C SER B 158 6.77 -21.49 13.13
N PHE B 159 7.49 -21.94 12.09
CA PHE B 159 8.78 -21.37 11.73
C PHE B 159 8.55 -20.61 10.45
N LEU B 160 8.61 -19.28 10.54
CA LEU B 160 8.33 -18.41 9.40
C LEU B 160 9.60 -18.12 8.60
N GLN B 161 9.48 -18.22 7.27
CA GLN B 161 10.60 -17.97 6.35
C GLN B 161 10.14 -17.23 5.11
N PHE B 162 11.06 -16.50 4.45
CA PHE B 162 10.71 -15.85 3.18
C PHE B 162 11.32 -16.69 2.04
N SER B 163 12.45 -17.34 2.30
CA SER B 163 13.08 -18.13 1.24
C SER B 163 13.00 -19.63 1.51
N THR B 164 13.24 -20.42 0.44
CA THR B 164 13.20 -21.87 0.51
C THR B 164 13.98 -22.42 1.68
N MET B 165 13.44 -23.47 2.30
CA MET B 165 14.13 -24.16 3.40
C MET B 165 13.57 -25.57 3.39
N LYS B 166 14.27 -26.45 2.67
CA LYS B 166 13.82 -27.82 2.44
C LYS B 166 14.07 -28.69 3.64
N MET B 167 13.00 -29.27 4.16
CA MET B 167 13.11 -30.17 5.31
C MET B 167 12.17 -31.34 5.24
N ALA B 168 12.46 -32.37 6.05
CA ALA B 168 11.63 -33.57 6.11
C ALA B 168 10.56 -33.46 7.20
N HIS B 169 10.87 -32.68 8.27
CA HIS B 169 9.98 -32.52 9.42
C HIS B 169 10.11 -31.07 9.87
N ALA B 170 9.20 -30.60 10.77
CA ALA B 170 9.32 -29.21 11.24
C ALA B 170 10.62 -29.08 12.04
N PRO B 171 11.18 -27.87 12.18
CA PRO B 171 12.39 -27.73 13.00
C PRO B 171 12.16 -28.15 14.45
N PRO B 172 13.24 -28.54 15.19
CA PRO B 172 13.07 -28.91 16.60
C PRO B 172 12.22 -27.90 17.34
N GLY B 173 11.34 -28.38 18.21
CA GLY B 173 10.42 -27.60 19.02
C GLY B 173 9.23 -27.02 18.26
N HIS B 174 9.26 -27.09 16.90
CA HIS B 174 8.20 -26.52 16.03
C HIS B 174 7.24 -27.56 15.46
N HIS B 175 6.15 -27.06 14.84
CA HIS B 175 5.09 -27.91 14.32
C HIS B 175 4.73 -27.63 12.86
N SER B 176 5.19 -26.49 12.33
CA SER B 176 4.82 -26.14 10.96
C SER B 176 5.84 -25.13 10.44
N VAL B 177 5.78 -24.88 9.14
CA VAL B 177 6.64 -23.92 8.45
C VAL B 177 5.69 -23.01 7.66
N ILE B 178 5.93 -21.69 7.74
CA ILE B 178 5.13 -20.70 7.03
C ILE B 178 6.04 -19.97 6.06
N GLY B 179 5.66 -19.95 4.79
CA GLY B 179 6.38 -19.18 3.80
C GLY B 179 5.59 -17.90 3.60
N ARG B 180 6.22 -16.74 3.85
CA ARG B 180 5.52 -15.48 3.67
C ARG B 180 5.98 -14.83 2.38
N PRO B 181 5.13 -13.98 1.79
CA PRO B 181 5.53 -13.28 0.57
C PRO B 181 6.59 -12.22 0.82
N SER B 182 7.40 -11.95 -0.23
CA SER B 182 8.47 -10.93 -0.21
C SER B 182 8.72 -10.51 -1.67
N VAL B 183 9.13 -9.24 -1.87
CA VAL B 183 9.35 -8.64 -3.20
C VAL B 183 10.05 -9.62 -4.20
N ASN B 184 11.18 -10.26 -3.81
CA ASN B 184 11.89 -11.17 -4.72
C ASN B 184 11.70 -12.65 -4.38
N GLY B 185 10.62 -12.97 -3.66
CA GLY B 185 10.34 -14.35 -3.27
C GLY B 185 8.93 -14.78 -3.61
N LEU B 186 8.21 -15.31 -2.61
CA LEU B 186 6.84 -15.80 -2.86
C LEU B 186 5.89 -14.66 -3.18
N ALA B 187 4.92 -14.93 -4.05
CA ALA B 187 3.87 -13.95 -4.33
C ALA B 187 2.85 -13.94 -3.20
N TYR B 188 2.50 -15.14 -2.68
CA TYR B 188 1.46 -15.30 -1.64
C TYR B 188 1.97 -16.34 -0.63
N ALA B 189 1.35 -16.37 0.54
CA ALA B 189 1.86 -17.27 1.59
C ALA B 189 1.57 -18.74 1.28
N GLU B 190 2.27 -19.63 2.01
CA GLU B 190 1.98 -21.04 2.05
C GLU B 190 2.31 -21.57 3.39
N TYR B 191 1.61 -22.64 3.77
CA TYR B 191 1.68 -23.19 5.12
C TYR B 191 1.94 -24.65 5.01
N VAL B 192 2.92 -25.11 5.77
CA VAL B 192 3.34 -26.51 5.57
C VAL B 192 3.39 -27.27 6.87
N ILE B 193 2.80 -28.46 6.86
CA ILE B 193 2.84 -29.38 8.00
C ILE B 193 3.54 -30.66 7.55
N TYR B 194 4.07 -31.44 8.49
CA TYR B 194 4.82 -32.64 8.10
C TYR B 194 4.21 -33.91 8.68
N ARG B 195 2.99 -33.78 9.24
CA ARG B 195 2.22 -34.87 9.83
C ARG B 195 0.79 -34.69 9.33
N GLY B 196 0.25 -35.73 8.70
CA GLY B 196 -1.11 -35.69 8.17
C GLY B 196 -2.19 -35.42 9.19
N GLU B 197 -1.97 -35.86 10.44
CA GLU B 197 -2.94 -35.65 11.51
C GLU B 197 -2.98 -34.20 11.99
N GLN B 198 -2.14 -33.32 11.37
CA GLN B 198 -2.19 -31.89 11.70
C GLN B 198 -3.17 -31.13 10.81
N ALA B 199 -3.95 -31.84 10.00
CA ALA B 199 -4.98 -31.13 9.22
C ALA B 199 -6.23 -31.97 9.15
N TYR B 200 -7.38 -31.29 9.18
CA TYR B 200 -8.66 -31.95 9.07
C TYR B 200 -9.40 -31.33 7.88
N PRO B 201 -9.87 -32.18 6.92
CA PRO B 201 -10.54 -31.66 5.70
C PRO B 201 -11.99 -31.27 6.00
N GLU B 202 -12.16 -30.15 6.67
CA GLU B 202 -13.45 -29.69 7.23
C GLU B 202 -14.55 -29.47 6.23
N TYR B 203 -14.25 -28.73 5.14
CA TYR B 203 -15.24 -28.40 4.13
C TYR B 203 -14.82 -28.83 2.77
N LEU B 204 -15.76 -29.39 2.01
CA LEU B 204 -15.52 -29.76 0.63
C LEU B 204 -16.33 -28.81 -0.20
N ILE B 205 -15.65 -27.96 -1.00
CA ILE B 205 -16.33 -26.97 -1.81
C ILE B 205 -16.36 -27.40 -3.24
N THR B 206 -17.56 -27.40 -3.88
CA THR B 206 -17.69 -27.69 -5.30
C THR B 206 -17.99 -26.37 -5.98
N TYR B 207 -17.23 -26.05 -7.01
CA TYR B 207 -17.37 -24.75 -7.62
C TYR B 207 -16.98 -24.73 -9.11
N GLN B 208 -17.28 -23.61 -9.77
CA GLN B 208 -16.79 -23.32 -11.13
C GLN B 208 -16.02 -22.02 -11.02
N ILE B 209 -15.00 -21.84 -11.87
CA ILE B 209 -14.45 -20.49 -11.96
C ILE B 209 -15.38 -19.77 -12.96
N MET B 210 -15.46 -18.42 -12.87
CA MET B 210 -16.34 -17.65 -13.75
C MET B 210 -15.53 -16.91 -14.80
N LYS B 211 -16.08 -16.87 -16.03
CA LYS B 211 -15.40 -16.22 -17.14
C LYS B 211 -15.71 -14.73 -17.13
N PRO B 212 -14.68 -13.86 -16.98
CA PRO B 212 -14.95 -12.40 -16.98
C PRO B 212 -15.42 -11.92 -18.36
N GLU B 213 -16.12 -10.79 -18.37
CA GLU B 213 -16.61 -10.11 -19.59
C GLU B 213 -15.42 -9.55 -20.37
N GLY C 4 -24.63 27.28 2.75
CA GLY C 4 -25.22 26.28 1.87
C GLY C 4 -24.95 26.56 0.40
N THR C 5 -25.55 25.74 -0.48
CA THR C 5 -25.37 25.86 -1.93
C THR C 5 -26.26 26.95 -2.51
N ILE C 6 -25.65 27.79 -3.39
CA ILE C 6 -26.24 28.88 -4.16
C ILE C 6 -26.03 28.57 -5.64
N LEU C 7 -27.09 28.62 -6.45
CA LEU C 7 -27.01 28.36 -7.88
C LEU C 7 -27.07 29.67 -8.62
N LEU C 8 -26.01 29.96 -9.40
CA LEU C 8 -25.91 31.18 -10.20
C LEU C 8 -26.22 30.89 -11.65
N ASP C 9 -27.23 31.56 -12.20
CA ASP C 9 -27.61 31.34 -13.59
C ASP C 9 -26.65 32.01 -14.54
N LEU C 10 -26.18 31.28 -15.55
CA LEU C 10 -25.31 31.84 -16.57
C LEU C 10 -26.18 32.25 -17.75
N ALA C 11 -25.80 33.33 -18.45
CA ALA C 11 -26.55 33.80 -19.60
C ALA C 11 -25.98 33.14 -20.86
N PRO C 12 -26.83 32.76 -21.86
CA PRO C 12 -26.28 32.13 -23.08
C PRO C 12 -25.19 32.92 -23.82
N GLU C 13 -25.19 34.25 -23.67
CA GLU C 13 -24.21 35.17 -24.26
C GLU C 13 -22.85 35.15 -23.53
N ASP C 14 -22.83 34.70 -22.26
CA ASP C 14 -21.62 34.56 -21.44
C ASP C 14 -20.72 33.47 -22.07
N LYS C 15 -19.43 33.80 -22.27
CA LYS C 15 -18.40 32.92 -22.86
C LYS C 15 -18.22 31.63 -22.03
N GLU C 16 -18.42 31.72 -20.70
CA GLU C 16 -18.33 30.61 -19.75
C GLU C 16 -19.43 29.56 -20.05
N TYR C 17 -20.68 30.02 -20.31
CA TYR C 17 -21.85 29.22 -20.70
C TYR C 17 -21.52 28.47 -22.00
N GLN C 18 -21.08 29.23 -23.03
CA GLN C 18 -20.73 28.71 -24.36
C GLN C 18 -19.62 27.67 -24.32
N SER C 19 -18.63 27.87 -23.44
CA SER C 19 -17.54 26.91 -23.29
C SER C 19 -18.10 25.60 -22.70
N VAL C 20 -19.04 25.71 -21.74
CA VAL C 20 -19.62 24.51 -21.09
C VAL C 20 -20.52 23.76 -22.07
N GLU C 21 -21.41 24.48 -22.77
CA GLU C 21 -22.24 23.86 -23.80
C GLU C 21 -21.37 23.24 -24.90
N GLU C 22 -20.31 23.95 -25.36
CA GLU C 22 -19.47 23.41 -26.43
C GLU C 22 -18.73 22.17 -25.99
N GLU C 23 -18.32 22.09 -24.70
CA GLU C 23 -17.70 20.88 -24.18
C GLU C 23 -18.75 19.78 -24.11
N MET C 24 -19.97 20.14 -23.71
CA MET C 24 -21.08 19.17 -23.63
C MET C 24 -21.49 18.61 -25.01
N GLN C 25 -21.68 19.48 -26.00
CA GLN C 25 -22.08 19.09 -27.36
C GLN C 25 -20.99 18.34 -28.15
N SER C 26 -19.72 18.82 -28.13
CA SER C 26 -18.62 18.20 -28.88
C SER C 26 -18.19 16.82 -28.39
N THR C 27 -18.49 16.48 -27.11
CA THR C 27 -18.06 15.21 -26.52
C THR C 27 -19.09 14.11 -26.67
N ILE C 28 -20.20 14.37 -27.41
CA ILE C 28 -21.20 13.33 -27.70
C ILE C 28 -20.57 12.31 -28.63
N ARG C 29 -20.76 11.03 -28.34
CA ARG C 29 -20.29 9.94 -29.17
C ARG C 29 -21.40 8.92 -29.30
N GLU C 30 -21.31 8.05 -30.30
CA GLU C 30 -22.29 6.98 -30.48
C GLU C 30 -21.94 5.87 -29.51
N HIS C 31 -22.95 5.31 -28.85
CA HIS C 31 -22.69 4.25 -27.88
C HIS C 31 -23.07 2.87 -28.45
N ARG C 32 -22.23 1.86 -28.12
CA ARG C 32 -22.34 0.47 -28.58
C ARG C 32 -23.73 -0.13 -28.40
N ASP C 33 -24.45 0.26 -27.33
CA ASP C 33 -25.80 -0.24 -27.05
C ASP C 33 -26.86 0.38 -27.97
N GLY C 34 -26.44 1.23 -28.90
CA GLY C 34 -27.33 1.90 -29.85
C GLY C 34 -28.35 2.84 -29.21
N GLY C 35 -27.98 3.37 -28.02
CA GLY C 35 -28.80 4.32 -27.27
C GLY C 35 -29.78 3.72 -26.27
N ASN C 36 -29.69 2.40 -25.99
CA ASN C 36 -30.59 1.79 -25.02
C ASN C 36 -30.48 2.47 -23.64
N ALA C 37 -29.25 2.72 -23.18
CA ALA C 37 -29.04 3.32 -21.85
C ALA C 37 -29.42 4.81 -21.73
N GLY C 38 -28.88 5.63 -22.63
CA GLY C 38 -29.06 7.08 -22.55
C GLY C 38 -29.94 7.76 -23.58
N GLY C 39 -30.43 6.98 -24.54
CA GLY C 39 -31.27 7.50 -25.61
C GLY C 39 -30.56 7.73 -26.93
N ILE C 40 -31.34 7.94 -28.01
CA ILE C 40 -30.80 8.21 -29.35
C ILE C 40 -30.82 9.71 -29.62
N PHE C 41 -29.63 10.30 -29.84
CA PHE C 41 -29.48 11.74 -30.09
C PHE C 41 -28.09 12.05 -30.60
N ASN C 42 -27.94 13.19 -31.27
CA ASN C 42 -26.64 13.64 -31.70
C ASN C 42 -26.34 14.99 -31.09
N ARG C 43 -27.34 15.56 -30.36
CA ARG C 43 -27.27 16.85 -29.65
C ARG C 43 -28.28 16.97 -28.49
N TYR C 44 -28.02 17.92 -27.60
CA TYR C 44 -28.89 18.22 -26.47
C TYR C 44 -29.56 19.56 -26.69
N ASN C 45 -30.66 19.77 -25.97
CA ASN C 45 -31.29 21.07 -25.88
C ASN C 45 -30.95 21.57 -24.50
N VAL C 46 -29.90 22.41 -24.41
CA VAL C 46 -29.49 22.97 -23.11
C VAL C 46 -30.54 23.99 -22.65
N ILE C 47 -31.19 23.67 -21.54
CA ILE C 47 -32.23 24.51 -20.95
C ILE C 47 -31.54 25.64 -20.16
N ARG C 48 -30.53 25.28 -19.37
CA ARG C 48 -29.78 26.24 -18.56
C ARG C 48 -28.49 25.63 -18.02
N ILE C 49 -27.60 26.50 -17.56
CA ILE C 49 -26.32 26.13 -16.96
C ILE C 49 -26.18 27.03 -15.75
N GLN C 50 -26.02 26.40 -14.59
CA GLN C 50 -25.86 27.14 -13.36
C GLN C 50 -24.54 26.83 -12.69
N LYS C 51 -23.86 27.87 -12.16
CA LYS C 51 -22.63 27.66 -11.38
C LYS C 51 -23.06 27.27 -9.98
N VAL C 52 -22.45 26.20 -9.43
CA VAL C 52 -22.75 25.72 -8.08
C VAL C 52 -21.76 26.41 -7.11
N VAL C 53 -22.27 27.26 -6.22
CA VAL C 53 -21.43 28.02 -5.28
C VAL C 53 -21.71 27.51 -3.88
N ASN C 54 -20.65 27.01 -3.21
CA ASN C 54 -20.73 26.49 -1.85
C ASN C 54 -19.36 26.71 -1.24
N LYS C 55 -19.26 27.71 -0.35
CA LYS C 55 -17.99 28.10 0.31
C LYS C 55 -17.36 26.95 1.13
N LYS C 56 -18.18 26.25 1.92
CA LYS C 56 -17.78 25.08 2.73
C LYS C 56 -17.20 23.93 1.83
N LEU C 57 -17.91 23.58 0.72
CA LEU C 57 -17.46 22.51 -0.18
C LEU C 57 -16.24 22.96 -0.98
N ARG C 58 -16.17 24.27 -1.35
CA ARG C 58 -14.99 24.78 -2.06
C ARG C 58 -13.76 24.71 -1.16
N GLU C 59 -13.92 25.03 0.13
CA GLU C 59 -12.80 25.02 1.11
C GLU C 59 -12.20 23.61 1.23
N ARG C 60 -13.08 22.62 1.33
CA ARG C 60 -12.72 21.18 1.40
C ARG C 60 -12.00 20.77 0.13
N PHE C 61 -12.47 21.26 -1.04
CA PHE C 61 -11.87 20.98 -2.34
C PHE C 61 -10.44 21.56 -2.46
N CYS C 62 -10.27 22.85 -2.14
CA CYS C 62 -8.96 23.54 -2.23
C CYS C 62 -7.94 22.99 -1.23
N HIS C 63 -8.39 22.61 -0.02
CA HIS C 63 -7.54 21.97 1.00
C HIS C 63 -6.98 20.69 0.44
N ARG C 64 -7.83 19.90 -0.26
CA ARG C 64 -7.36 18.66 -0.85
C ARG C 64 -6.48 18.89 -2.08
N GLN C 65 -6.81 19.90 -2.93
CA GLN C 65 -6.04 20.21 -4.14
C GLN C 65 -4.58 20.47 -3.73
N LYS C 66 -4.40 21.25 -2.67
CA LYS C 66 -3.07 21.58 -2.13
C LYS C 66 -2.34 20.34 -1.63
N GLU C 67 -3.03 19.44 -0.88
CA GLU C 67 -2.37 18.24 -0.36
C GLU C 67 -1.87 17.38 -1.49
N VAL C 68 -2.75 17.16 -2.51
CA VAL C 68 -2.44 16.30 -3.65
C VAL C 68 -1.26 16.87 -4.41
N SER C 69 -1.23 18.21 -4.57
CA SER C 69 -0.14 18.86 -5.29
C SER C 69 1.16 18.55 -4.56
N GLU C 70 1.17 18.71 -3.22
CA GLU C 70 2.34 18.44 -2.39
C GLU C 70 2.76 16.97 -2.47
N GLU C 71 1.79 16.04 -2.40
CA GLU C 71 2.12 14.62 -2.55
C GLU C 71 2.69 14.30 -3.95
N ASN C 72 2.16 15.01 -4.97
CA ASN C 72 2.53 14.85 -6.38
C ASN C 72 3.76 15.65 -6.80
N HIS C 73 4.75 15.78 -5.90
CA HIS C 73 6.00 16.52 -6.14
C HIS C 73 5.74 17.95 -6.68
N ASN C 74 4.71 18.63 -6.09
CA ASN C 74 4.34 20.02 -6.39
C ASN C 74 3.83 20.19 -7.83
N HIS C 75 3.09 19.18 -8.33
CA HIS C 75 2.51 19.25 -9.67
C HIS C 75 1.00 19.13 -9.58
N HIS C 76 0.33 20.20 -10.04
CA HIS C 76 -1.13 20.29 -10.07
C HIS C 76 -1.66 19.72 -11.37
N ASN C 77 -2.45 18.62 -11.27
CA ASN C 77 -3.05 17.96 -12.42
C ASN C 77 -4.53 17.81 -12.19
N GLU C 78 -5.31 18.46 -13.06
CA GLU C 78 -6.76 18.43 -12.95
C GLU C 78 -7.41 18.41 -14.34
N ARG C 79 -8.69 18.01 -14.40
CA ARG C 79 -9.46 17.98 -15.62
C ARG C 79 -10.91 18.33 -15.32
N MET C 80 -11.59 18.92 -16.33
CA MET C 80 -13.01 19.27 -16.28
C MET C 80 -13.72 18.04 -16.86
N LEU C 81 -14.61 17.40 -16.06
CA LEU C 81 -15.28 16.18 -16.49
C LEU C 81 -16.77 16.17 -16.12
N PHE C 82 -17.54 15.36 -16.83
CA PHE C 82 -18.97 15.25 -16.56
C PHE C 82 -19.26 14.18 -15.52
N HIS C 83 -20.40 14.32 -14.87
CA HIS C 83 -20.90 13.31 -13.94
C HIS C 83 -22.43 13.24 -14.08
N GLY C 84 -22.95 12.04 -14.31
CA GLY C 84 -24.39 11.79 -14.35
C GLY C 84 -24.76 10.90 -13.17
N SER C 85 -25.89 11.21 -12.51
CA SER C 85 -26.34 10.39 -11.38
C SER C 85 -27.78 10.73 -11.04
N PRO C 86 -28.58 9.72 -10.64
CA PRO C 86 -29.93 10.04 -10.11
C PRO C 86 -29.87 10.78 -8.76
N PHE C 87 -28.67 10.75 -8.10
CA PHE C 87 -28.46 11.37 -6.78
C PHE C 87 -27.79 12.74 -6.85
N ILE C 88 -27.93 13.42 -7.99
CA ILE C 88 -27.38 14.75 -8.26
C ILE C 88 -27.77 15.84 -7.21
N ASN C 89 -29.02 15.81 -6.69
CA ASN C 89 -29.48 16.83 -5.71
C ASN C 89 -28.65 16.76 -4.43
N ALA C 90 -28.38 15.53 -3.97
CA ALA C 90 -27.54 15.26 -2.79
C ALA C 90 -26.10 15.74 -2.99
N ILE C 91 -25.52 15.52 -4.21
CA ILE C 91 -24.15 15.95 -4.51
C ILE C 91 -24.05 17.51 -4.51
N ILE C 92 -25.02 18.22 -5.11
CA ILE C 92 -24.86 19.69 -5.20
C ILE C 92 -24.89 20.38 -3.83
N HIS C 93 -25.61 19.79 -2.86
CA HIS C 93 -25.70 20.28 -1.49
C HIS C 93 -24.69 19.69 -0.50
N LYS C 94 -24.37 18.38 -0.62
CA LYS C 94 -23.47 17.67 0.30
C LYS C 94 -22.11 17.34 -0.29
N GLY C 95 -21.97 17.49 -1.61
CA GLY C 95 -20.74 17.19 -2.32
C GLY C 95 -20.67 15.71 -2.61
N PHE C 96 -19.62 15.32 -3.30
CA PHE C 96 -19.36 13.92 -3.62
C PHE C 96 -18.94 13.19 -2.36
N ASP C 97 -19.34 11.93 -2.25
CA ASP C 97 -18.99 11.15 -1.07
C ASP C 97 -18.59 9.74 -1.50
N GLU C 98 -17.31 9.41 -1.31
CA GLU C 98 -16.78 8.10 -1.69
C GLU C 98 -17.44 6.97 -0.87
N ARG C 99 -18.04 7.30 0.30
CA ARG C 99 -18.70 6.26 1.11
C ARG C 99 -19.93 5.67 0.39
N HIS C 100 -20.42 6.32 -0.68
CA HIS C 100 -21.53 5.80 -1.46
C HIS C 100 -21.05 4.93 -2.64
N ALA C 101 -19.74 4.81 -2.80
CA ALA C 101 -19.16 4.03 -3.90
C ALA C 101 -19.10 2.55 -3.53
N TYR C 102 -19.57 1.68 -4.44
N TYR C 102 -19.57 1.68 -4.44
CA TYR C 102 -19.56 0.24 -4.22
CA TYR C 102 -19.56 0.23 -4.22
C TYR C 102 -18.49 -0.45 -5.08
C TYR C 102 -18.47 -0.45 -5.07
N ILE C 103 -18.25 -1.76 -4.87
CA ILE C 103 -17.20 -2.48 -5.61
C ILE C 103 -17.58 -2.74 -7.10
N GLY C 104 -18.87 -2.63 -7.44
CA GLY C 104 -19.43 -2.87 -8.77
C GLY C 104 -18.80 -2.16 -9.95
N GLY C 105 -18.18 -1.01 -9.70
CA GLY C 105 -17.54 -0.20 -10.74
C GLY C 105 -16.34 -0.86 -11.36
N MET C 106 -15.92 -0.36 -12.54
CA MET C 106 -14.78 -0.92 -13.27
C MET C 106 -13.48 -0.89 -12.48
N PHE C 107 -13.31 0.14 -11.63
CA PHE C 107 -12.11 0.32 -10.83
C PHE C 107 -12.40 0.34 -9.35
N GLY C 108 -13.44 -0.38 -8.95
CA GLY C 108 -13.79 -0.48 -7.54
C GLY C 108 -14.50 0.74 -7.01
N ALA C 109 -14.37 0.94 -5.69
CA ALA C 109 -15.09 1.95 -4.94
C ALA C 109 -14.57 3.37 -5.07
N GLY C 110 -14.70 3.92 -6.26
CA GLY C 110 -14.36 5.31 -6.51
C GLY C 110 -15.55 6.09 -7.03
N ILE C 111 -15.31 7.35 -7.32
CA ILE C 111 -16.28 8.28 -7.92
C ILE C 111 -15.83 8.44 -9.36
N TYR C 112 -16.76 8.18 -10.30
CA TYR C 112 -16.48 8.10 -11.74
C TYR C 112 -16.93 9.32 -12.52
N PHE C 113 -16.07 9.79 -13.44
CA PHE C 113 -16.33 10.93 -14.30
C PHE C 113 -15.97 10.53 -15.73
N ALA C 114 -16.61 11.17 -16.69
CA ALA C 114 -16.39 10.86 -18.11
C ALA C 114 -15.90 12.09 -18.81
N GLU C 115 -15.10 11.91 -19.88
CA GLU C 115 -14.72 13.07 -20.68
C GLU C 115 -15.83 13.27 -21.74
N ASN C 116 -16.64 12.23 -22.00
CA ASN C 116 -17.74 12.26 -22.96
C ASN C 116 -19.08 12.51 -22.22
N SER C 117 -19.75 13.66 -22.48
CA SER C 117 -21.03 14.02 -21.82
C SER C 117 -22.08 12.94 -22.07
N SER C 118 -22.06 12.30 -23.28
CA SER C 118 -22.98 11.20 -23.60
C SER C 118 -22.71 9.96 -22.78
N LYS C 119 -21.44 9.73 -22.32
CA LYS C 119 -21.19 8.59 -21.44
C LYS C 119 -21.88 8.86 -20.06
N SER C 120 -21.72 10.08 -19.51
CA SER C 120 -22.36 10.47 -18.24
C SER C 120 -23.89 10.46 -18.37
N ASN C 121 -24.40 10.85 -19.54
CA ASN C 121 -25.84 10.80 -19.81
C ASN C 121 -26.44 9.39 -19.66
N GLN C 122 -25.64 8.29 -19.85
CA GLN C 122 -26.13 6.91 -19.70
C GLN C 122 -26.46 6.55 -18.25
N TYR C 123 -25.97 7.37 -17.29
CA TYR C 123 -26.13 7.09 -15.87
C TYR C 123 -27.09 8.00 -15.15
N VAL C 124 -27.63 9.03 -15.82
CA VAL C 124 -28.53 10.01 -15.24
C VAL C 124 -29.76 9.36 -14.57
N TYR C 125 -30.34 8.32 -15.19
CA TYR C 125 -31.53 7.67 -14.62
C TYR C 125 -31.22 6.32 -13.92
N GLY C 126 -29.93 6.02 -13.75
CA GLY C 126 -29.46 4.82 -13.08
C GLY C 126 -28.52 3.97 -13.90
N ILE C 127 -28.20 2.78 -13.38
CA ILE C 127 -27.35 1.78 -14.07
C ILE C 127 -28.11 1.35 -15.33
N GLY C 128 -27.42 1.40 -16.48
CA GLY C 128 -28.02 1.13 -17.79
C GLY C 128 -29.20 2.04 -18.12
N GLY C 129 -29.28 3.21 -17.47
CA GLY C 129 -30.39 4.15 -17.64
C GLY C 129 -31.61 3.79 -16.82
N GLY C 130 -31.47 2.81 -15.94
CA GLY C 130 -32.52 2.32 -15.04
C GLY C 130 -33.85 2.15 -15.74
N THR C 131 -34.92 2.74 -15.18
CA THR C 131 -36.24 2.69 -15.82
C THR C 131 -36.56 3.97 -16.64
N GLY C 132 -35.57 4.86 -16.83
CA GLY C 132 -35.76 6.09 -17.60
C GLY C 132 -36.35 7.23 -16.78
N CYS C 133 -36.98 8.22 -17.47
CA CYS C 133 -37.55 9.40 -16.83
C CYS C 133 -38.60 9.01 -15.76
N PRO C 134 -38.67 9.70 -14.59
CA PRO C 134 -39.66 9.32 -13.57
C PRO C 134 -41.12 9.48 -14.02
N THR C 135 -41.40 10.49 -14.88
CA THR C 135 -42.75 10.82 -15.36
C THR C 135 -43.29 9.84 -16.42
N HIS C 136 -42.45 9.38 -17.37
CA HIS C 136 -42.91 8.48 -18.46
C HIS C 136 -42.20 7.14 -18.55
N LYS C 137 -41.21 6.87 -17.68
CA LYS C 137 -40.44 5.62 -17.68
C LYS C 137 -39.79 5.34 -19.05
N ASP C 138 -39.28 6.40 -19.71
CA ASP C 138 -38.64 6.30 -21.03
C ASP C 138 -37.15 6.66 -20.95
N ARG C 139 -36.26 5.70 -21.28
CA ARG C 139 -34.80 5.95 -21.29
C ARG C 139 -34.36 6.93 -22.37
N SER C 140 -35.17 7.01 -23.45
CA SER C 140 -34.89 7.93 -24.56
C SER C 140 -35.90 9.08 -24.56
N CYS C 141 -36.47 9.42 -23.38
CA CYS C 141 -37.43 10.50 -23.29
C CYS C 141 -36.82 11.80 -23.79
N TYR C 142 -37.52 12.45 -24.73
CA TYR C 142 -37.13 13.72 -25.31
C TYR C 142 -37.84 14.89 -24.62
N ILE C 143 -38.77 14.59 -23.67
CA ILE C 143 -39.57 15.60 -22.97
C ILE C 143 -38.95 16.06 -21.63
N CYS C 144 -38.72 15.09 -20.75
CA CYS C 144 -38.22 15.35 -19.40
C CYS C 144 -36.86 15.98 -19.36
N HIS C 145 -36.72 17.00 -18.49
CA HIS C 145 -35.47 17.74 -18.28
C HIS C 145 -34.55 16.83 -17.46
N ARG C 146 -33.36 16.59 -18.00
CA ARG C 146 -32.36 15.78 -17.34
C ARG C 146 -31.39 16.72 -16.70
N GLN C 147 -30.58 16.21 -15.77
CA GLN C 147 -29.52 17.03 -15.18
C GLN C 147 -28.24 16.24 -15.14
N MET C 148 -27.14 16.95 -15.35
CA MET C 148 -25.81 16.38 -15.20
C MET C 148 -24.89 17.47 -14.69
N LEU C 149 -23.78 17.05 -14.09
CA LEU C 149 -22.77 17.97 -13.56
C LEU C 149 -21.53 18.04 -14.44
N PHE C 150 -20.87 19.25 -14.54
CA PHE C 150 -19.57 19.46 -15.22
C PHE C 150 -18.67 19.90 -14.05
N CYS C 151 -17.77 19.00 -13.63
CA CYS C 151 -16.94 19.10 -12.42
C CYS C 151 -15.47 19.33 -12.67
N ARG C 152 -14.81 19.94 -11.68
CA ARG C 152 -13.36 20.12 -11.65
C ARG C 152 -12.82 18.95 -10.85
N VAL C 153 -12.04 18.07 -11.47
CA VAL C 153 -11.56 16.86 -10.80
C VAL C 153 -10.03 16.89 -10.57
N THR C 154 -9.60 16.85 -9.28
CA THR C 154 -8.18 16.81 -8.92
C THR C 154 -7.74 15.38 -9.18
N LEU C 155 -6.82 15.21 -10.10
CA LEU C 155 -6.35 13.87 -10.49
C LEU C 155 -4.97 13.50 -9.89
N GLY C 156 -4.14 14.48 -9.57
CA GLY C 156 -2.75 14.24 -9.14
C GLY C 156 -2.06 13.28 -10.09
N LYS C 157 -1.45 12.20 -9.56
CA LYS C 157 -0.78 11.23 -10.43
C LYS C 157 -1.76 10.13 -10.77
N SER C 158 -2.10 9.96 -12.05
CA SER C 158 -3.08 8.95 -12.44
C SER C 158 -2.45 7.59 -12.76
N PHE C 159 -3.13 6.51 -12.36
CA PHE C 159 -2.70 5.14 -12.64
C PHE C 159 -3.48 4.68 -13.87
N LEU C 160 -2.78 4.43 -14.98
CA LEU C 160 -3.48 4.07 -16.21
C LEU C 160 -3.79 2.59 -16.25
N GLN C 161 -5.04 2.27 -16.60
CA GLN C 161 -5.50 0.89 -16.73
C GLN C 161 -6.32 0.72 -17.99
N PHE C 162 -6.36 -0.52 -18.51
CA PHE C 162 -7.12 -0.84 -19.72
C PHE C 162 -8.21 -1.88 -19.41
N SER C 163 -8.03 -2.63 -18.32
CA SER C 163 -8.95 -3.67 -17.88
C SER C 163 -9.39 -3.43 -16.43
N THR C 164 -10.49 -4.06 -16.05
CA THR C 164 -11.10 -4.01 -14.71
C THR C 164 -10.06 -4.39 -13.65
N MET C 165 -9.93 -3.55 -12.60
CA MET C 165 -9.03 -3.75 -11.46
C MET C 165 -9.67 -3.08 -10.24
N LYS C 166 -10.39 -3.88 -9.46
CA LYS C 166 -11.12 -3.39 -8.29
C LYS C 166 -10.17 -2.89 -7.21
N MET C 167 -10.27 -1.60 -6.86
CA MET C 167 -9.46 -1.01 -5.79
C MET C 167 -10.27 -0.08 -4.89
N ALA C 168 -9.74 0.16 -3.69
CA ALA C 168 -10.35 0.95 -2.63
C ALA C 168 -9.87 2.40 -2.68
N HIS C 169 -8.59 2.56 -2.97
CA HIS C 169 -7.88 3.80 -3.00
C HIS C 169 -7.01 3.77 -4.24
N ALA C 170 -6.51 4.91 -4.58
CA ALA C 170 -5.59 4.99 -5.69
C ALA C 170 -4.33 4.21 -5.24
N PRO C 171 -3.55 3.57 -6.14
CA PRO C 171 -2.34 2.85 -5.69
C PRO C 171 -1.36 3.77 -4.97
N PRO C 172 -0.41 3.22 -4.18
CA PRO C 172 0.57 4.08 -3.51
C PRO C 172 1.20 5.04 -4.51
N GLY C 173 1.34 6.30 -4.11
CA GLY C 173 1.92 7.31 -4.97
C GLY C 173 1.02 7.84 -6.08
N HIS C 174 -0.28 7.46 -6.06
CA HIS C 174 -1.22 7.88 -7.10
C HIS C 174 -2.43 8.52 -6.46
N HIS C 175 -3.21 9.27 -7.25
CA HIS C 175 -4.37 10.01 -6.71
C HIS C 175 -5.63 9.82 -7.56
N SER C 176 -5.52 9.03 -8.64
CA SER C 176 -6.64 8.71 -9.53
C SER C 176 -6.31 7.51 -10.40
N VAL C 177 -7.33 6.94 -11.04
CA VAL C 177 -7.23 5.80 -11.94
C VAL C 177 -7.97 6.22 -13.19
N ILE C 178 -7.32 6.05 -14.35
CA ILE C 178 -7.94 6.35 -15.64
C ILE C 178 -8.07 5.03 -16.39
N GLY C 179 -9.26 4.78 -16.91
CA GLY C 179 -9.49 3.59 -17.72
C GLY C 179 -9.43 4.06 -19.16
N ARG C 180 -8.38 3.66 -19.91
CA ARG C 180 -8.20 4.12 -21.30
C ARG C 180 -8.80 3.14 -22.31
N PRO C 181 -9.45 3.64 -23.39
CA PRO C 181 -10.06 2.72 -24.35
C PRO C 181 -9.03 1.87 -25.10
N SER C 182 -9.44 0.65 -25.49
CA SER C 182 -8.63 -0.33 -26.22
C SER C 182 -9.56 -1.36 -26.88
N VAL C 183 -9.07 -2.07 -27.93
CA VAL C 183 -9.77 -3.08 -28.76
C VAL C 183 -10.98 -3.71 -28.03
N LEU C 186 -12.57 -1.02 -23.09
CA LEU C 186 -13.42 0.18 -22.99
C LEU C 186 -13.57 0.86 -24.34
N ALA C 187 -14.73 1.49 -24.57
CA ALA C 187 -15.01 2.25 -25.79
C ALA C 187 -14.64 3.72 -25.53
N TYR C 188 -14.88 4.20 -24.30
CA TYR C 188 -14.59 5.56 -23.88
C TYR C 188 -13.87 5.58 -22.53
N ALA C 189 -13.06 6.62 -22.28
CA ALA C 189 -12.32 6.77 -21.03
C ALA C 189 -13.24 6.90 -19.79
N GLU C 190 -12.70 6.54 -18.61
CA GLU C 190 -13.37 6.66 -17.29
C GLU C 190 -12.32 7.24 -16.34
N TYR C 191 -12.66 8.31 -15.57
CA TYR C 191 -11.73 8.95 -14.61
C TYR C 191 -12.26 8.69 -13.23
N VAL C 192 -11.40 8.10 -12.35
CA VAL C 192 -11.82 7.68 -11.02
C VAL C 192 -11.01 8.33 -9.88
N ILE C 193 -11.73 8.92 -8.89
CA ILE C 193 -11.13 9.48 -7.67
C ILE C 193 -11.69 8.70 -6.48
N TYR C 194 -10.97 8.68 -5.37
CA TYR C 194 -11.36 7.83 -4.25
C TYR C 194 -11.65 8.60 -2.98
N ARG C 195 -11.74 9.95 -3.09
CA ARG C 195 -12.13 10.90 -2.04
C ARG C 195 -13.11 11.90 -2.63
N GLY C 196 -14.26 12.06 -2.02
CA GLY C 196 -15.27 13.00 -2.51
C GLY C 196 -14.77 14.44 -2.62
N GLU C 197 -13.83 14.84 -1.74
CA GLU C 197 -13.33 16.22 -1.77
C GLU C 197 -12.34 16.49 -2.94
N GLN C 198 -12.05 15.48 -3.79
CA GLN C 198 -11.20 15.61 -4.98
C GLN C 198 -12.01 16.05 -6.24
N ALA C 199 -13.29 16.32 -6.06
CA ALA C 199 -14.13 16.84 -7.15
C ALA C 199 -14.99 17.93 -6.62
N TYR C 200 -15.16 18.95 -7.46
CA TYR C 200 -16.05 20.03 -7.14
C TYR C 200 -17.09 20.11 -8.28
N PRO C 201 -18.38 20.12 -7.94
CA PRO C 201 -19.43 20.15 -8.98
C PRO C 201 -19.60 21.55 -9.55
N GLU C 202 -18.69 22.00 -10.40
CA GLU C 202 -18.67 23.39 -10.91
C GLU C 202 -19.94 23.88 -11.58
N TYR C 203 -20.53 23.06 -12.46
CA TYR C 203 -21.74 23.47 -13.21
C TYR C 203 -22.83 22.43 -13.13
N LEU C 204 -24.08 22.88 -13.00
CA LEU C 204 -25.25 22.03 -13.02
C LEU C 204 -25.93 22.34 -14.34
N ILE C 205 -25.95 21.38 -15.26
CA ILE C 205 -26.53 21.55 -16.59
C ILE C 205 -27.92 20.90 -16.63
N THR C 206 -28.96 21.65 -17.05
CA THR C 206 -30.32 21.14 -17.23
C THR C 206 -30.54 21.05 -18.74
N TYR C 207 -30.97 19.87 -19.20
CA TYR C 207 -31.05 19.65 -20.63
C TYR C 207 -32.09 18.60 -21.01
N GLN C 208 -32.35 18.49 -22.31
CA GLN C 208 -33.15 17.42 -22.88
C GLN C 208 -32.28 16.78 -23.96
N ILE C 209 -32.43 15.49 -24.20
CA ILE C 209 -31.74 14.94 -25.39
C ILE C 209 -32.66 15.29 -26.57
N MET C 210 -32.12 15.40 -27.78
CA MET C 210 -32.94 15.78 -28.95
C MET C 210 -33.10 14.64 -29.94
N LYS C 211 -34.33 14.42 -30.44
CA LYS C 211 -34.55 13.35 -31.43
C LYS C 211 -33.94 13.77 -32.77
N PRO C 212 -33.05 12.94 -33.38
CA PRO C 212 -32.37 13.37 -34.64
C PRO C 212 -33.28 13.72 -35.82
N GLY D 4 34.90 -1.67 -20.82
CA GLY D 4 34.98 -0.93 -19.55
C GLY D 4 33.63 -0.75 -18.89
N THR D 5 33.08 0.45 -18.95
CA THR D 5 31.78 0.74 -18.35
C THR D 5 30.64 0.55 -19.36
N ILE D 6 29.60 -0.16 -18.94
CA ILE D 6 28.36 -0.36 -19.70
C ILE D 6 27.28 0.42 -18.97
N LEU D 7 26.46 1.17 -19.73
CA LEU D 7 25.30 1.88 -19.20
C LEU D 7 24.04 1.16 -19.66
N LEU D 8 23.27 0.61 -18.72
CA LEU D 8 22.04 -0.12 -18.96
C LEU D 8 20.83 0.77 -18.72
N ASP D 9 20.04 0.99 -19.77
CA ASP D 9 18.85 1.84 -19.65
C ASP D 9 17.75 1.19 -18.87
N LEU D 10 17.19 1.92 -17.90
CA LEU D 10 16.05 1.45 -17.12
C LEU D 10 14.79 1.99 -17.78
N ALA D 11 13.75 1.15 -17.90
CA ALA D 11 12.51 1.61 -18.51
C ALA D 11 11.69 2.39 -17.47
N PRO D 12 11.00 3.48 -17.85
CA PRO D 12 10.19 4.23 -16.87
C PRO D 12 9.07 3.43 -16.18
N GLU D 13 8.62 2.30 -16.78
CA GLU D 13 7.57 1.45 -16.17
C GLU D 13 8.14 0.41 -15.17
N ASP D 14 9.47 0.38 -15.00
CA ASP D 14 10.14 -0.56 -14.09
C ASP D 14 10.11 0.01 -12.68
N LYS D 15 9.77 -0.83 -11.68
CA LYS D 15 9.78 -0.45 -10.25
C LYS D 15 11.15 0.16 -9.85
N GLU D 16 12.25 -0.29 -10.48
CA GLU D 16 13.60 0.21 -10.19
C GLU D 16 13.76 1.70 -10.60
N TYR D 17 13.35 2.05 -11.84
CA TYR D 17 13.42 3.43 -12.33
C TYR D 17 12.54 4.31 -11.42
N GLN D 18 11.33 3.81 -11.06
CA GLN D 18 10.36 4.56 -10.26
C GLN D 18 10.83 4.82 -8.85
N SER D 19 11.53 3.83 -8.23
CA SER D 19 12.07 3.93 -6.89
C SER D 19 13.15 5.01 -6.88
N VAL D 20 14.01 5.04 -7.90
CA VAL D 20 15.13 6.01 -8.00
C VAL D 20 14.55 7.42 -8.18
N GLU D 21 13.61 7.57 -9.13
CA GLU D 21 12.98 8.88 -9.33
C GLU D 21 12.25 9.36 -8.08
N GLU D 22 11.52 8.46 -7.39
CA GLU D 22 10.82 8.83 -6.16
C GLU D 22 11.76 9.31 -5.08
N GLU D 23 12.92 8.66 -4.92
CA GLU D 23 13.87 9.11 -3.90
C GLU D 23 14.45 10.47 -4.30
N MET D 24 14.71 10.65 -5.59
CA MET D 24 15.23 11.91 -6.07
C MET D 24 14.22 13.04 -5.82
N GLN D 25 12.93 12.84 -6.26
CA GLN D 25 11.94 13.91 -6.10
C GLN D 25 11.57 14.21 -4.65
N SER D 26 11.41 13.15 -3.84
CA SER D 26 10.93 13.34 -2.47
C SER D 26 11.97 13.95 -1.52
N THR D 27 13.27 13.93 -1.89
CA THR D 27 14.28 14.47 -1.00
C THR D 27 14.67 15.90 -1.37
N ILE D 28 13.96 16.54 -2.34
CA ILE D 28 14.25 17.93 -2.65
C ILE D 28 13.91 18.80 -1.43
N ARG D 29 14.76 19.75 -1.16
CA ARG D 29 14.53 20.69 -0.08
C ARG D 29 14.76 22.11 -0.58
N GLU D 30 14.27 23.09 0.19
CA GLU D 30 14.48 24.51 -0.12
C GLU D 30 15.83 24.91 0.50
N HIS D 31 16.77 25.37 -0.32
CA HIS D 31 18.10 25.72 0.21
C HIS D 31 18.19 27.16 0.74
N ARG D 32 19.04 27.39 1.75
CA ARG D 32 19.23 28.71 2.39
C ARG D 32 19.68 29.81 1.44
N ASP D 33 20.40 29.47 0.35
CA ASP D 33 20.90 30.45 -0.61
C ASP D 33 19.81 30.95 -1.60
N GLY D 34 18.57 30.53 -1.39
CA GLY D 34 17.45 30.92 -2.24
C GLY D 34 17.58 30.44 -3.67
N GLY D 35 18.31 29.33 -3.84
CA GLY D 35 18.54 28.73 -5.13
C GLY D 35 19.72 29.26 -5.90
N ASN D 36 20.60 30.04 -5.25
CA ASN D 36 21.73 30.59 -6.02
C ASN D 36 22.63 29.52 -6.66
N ALA D 37 23.02 28.51 -5.89
CA ALA D 37 23.94 27.50 -6.39
C ALA D 37 23.32 26.54 -7.40
N GLY D 38 22.22 25.90 -7.00
CA GLY D 38 21.61 24.86 -7.81
C GLY D 38 20.41 25.24 -8.65
N GLY D 39 19.91 26.46 -8.44
CA GLY D 39 18.70 26.87 -9.16
C GLY D 39 17.48 26.87 -8.26
N ILE D 40 16.40 27.50 -8.77
CA ILE D 40 15.12 27.59 -8.06
C ILE D 40 14.17 26.54 -8.61
N PHE D 41 13.78 25.59 -7.77
CA PHE D 41 12.90 24.52 -8.24
C PHE D 41 12.41 23.72 -7.02
N ASN D 42 11.30 23.02 -7.20
CA ASN D 42 10.82 22.09 -6.18
C ASN D 42 10.43 20.74 -6.84
N ARG D 43 10.85 20.54 -8.09
CA ARG D 43 10.56 19.32 -8.88
C ARG D 43 11.60 19.16 -9.99
N TYR D 44 11.95 17.92 -10.37
CA TYR D 44 12.79 17.66 -11.53
C TYR D 44 11.94 17.07 -12.65
N ASN D 45 12.48 17.10 -13.87
CA ASN D 45 11.98 16.35 -15.00
C ASN D 45 13.06 15.32 -15.27
N VAL D 46 12.80 14.05 -14.91
CA VAL D 46 13.80 13.01 -15.15
C VAL D 46 13.77 12.59 -16.63
N ILE D 47 14.92 12.65 -17.31
N ILE D 47 14.91 12.67 -17.32
CA ILE D 47 15.09 12.31 -18.73
CA ILE D 47 15.00 12.29 -18.74
C ILE D 47 15.34 10.82 -18.91
C ILE D 47 15.29 10.80 -18.88
N ARG D 48 16.27 10.28 -18.10
CA ARG D 48 16.62 8.87 -18.14
C ARG D 48 17.41 8.48 -16.91
N ILE D 49 17.37 7.19 -16.61
CA ILE D 49 18.12 6.62 -15.49
C ILE D 49 18.80 5.38 -16.04
N GLN D 50 20.13 5.32 -15.83
CA GLN D 50 20.91 4.21 -16.38
C GLN D 50 21.71 3.57 -15.27
N LYS D 51 21.80 2.24 -15.31
CA LYS D 51 22.57 1.46 -14.35
C LYS D 51 23.99 1.40 -14.87
N VAL D 52 24.96 1.64 -13.99
CA VAL D 52 26.38 1.67 -14.31
C VAL D 52 26.98 0.35 -13.98
N VAL D 53 27.54 -0.32 -15.00
CA VAL D 53 28.17 -1.65 -14.85
C VAL D 53 29.64 -1.56 -15.23
N ASN D 54 30.52 -1.85 -14.25
CA ASN D 54 31.96 -1.84 -14.47
C ASN D 54 32.58 -2.88 -13.56
N LYS D 55 33.12 -3.93 -14.18
CA LYS D 55 33.68 -5.08 -13.49
C LYS D 55 34.74 -4.70 -12.43
N LYS D 56 35.72 -3.89 -12.83
CA LYS D 56 36.79 -3.53 -11.91
C LYS D 56 36.31 -2.63 -10.77
N LEU D 57 35.44 -1.66 -11.06
CA LEU D 57 34.92 -0.83 -9.99
C LEU D 57 34.05 -1.66 -9.02
N ARG D 58 33.27 -2.61 -9.56
CA ARG D 58 32.46 -3.48 -8.72
C ARG D 58 33.37 -4.35 -7.83
N GLU D 59 34.47 -4.91 -8.41
CA GLU D 59 35.45 -5.76 -7.65
C GLU D 59 36.01 -4.97 -6.48
N ARG D 60 36.51 -3.73 -6.76
CA ARG D 60 37.13 -2.89 -5.70
C ARG D 60 36.10 -2.63 -4.59
N PHE D 61 34.87 -2.27 -4.97
CA PHE D 61 33.81 -2.00 -4.03
C PHE D 61 33.48 -3.21 -3.16
N CYS D 62 33.26 -4.39 -3.81
CA CYS D 62 32.92 -5.63 -3.10
C CYS D 62 34.04 -6.06 -2.16
N HIS D 63 35.30 -5.96 -2.61
CA HIS D 63 36.45 -6.30 -1.76
C HIS D 63 36.45 -5.43 -0.48
N ARG D 64 36.26 -4.10 -0.65
CA ARG D 64 36.24 -3.20 0.47
C ARG D 64 35.01 -3.43 1.37
N GLN D 65 33.85 -3.75 0.77
CA GLN D 65 32.63 -3.98 1.56
C GLN D 65 32.83 -5.16 2.54
N LYS D 66 33.49 -6.22 2.06
CA LYS D 66 33.80 -7.42 2.87
C LYS D 66 34.77 -7.05 4.00
N GLU D 67 35.83 -6.23 3.71
CA GLU D 67 36.82 -5.75 4.70
C GLU D 67 36.11 -4.97 5.80
N VAL D 68 35.22 -4.04 5.39
CA VAL D 68 34.46 -3.24 6.35
C VAL D 68 33.55 -4.13 7.21
N SER D 69 32.80 -5.05 6.60
CA SER D 69 31.89 -5.91 7.39
C SER D 69 32.68 -6.72 8.43
N GLU D 70 33.86 -7.27 8.05
CA GLU D 70 34.73 -8.01 8.98
C GLU D 70 35.19 -7.13 10.16
N GLU D 71 35.51 -5.85 9.90
CA GLU D 71 35.94 -4.86 10.92
C GLU D 71 34.76 -4.34 11.74
N ASN D 72 33.51 -4.55 11.28
CA ASN D 72 32.33 -3.99 11.94
C ASN D 72 31.29 -5.03 12.37
N HIS D 73 31.76 -6.14 12.95
CA HIS D 73 30.92 -7.24 13.46
C HIS D 73 29.83 -7.69 12.45
N ASN D 74 30.25 -7.86 11.17
CA ASN D 74 29.45 -8.29 10.01
C ASN D 74 28.40 -7.22 9.51
N HIS D 75 28.66 -5.91 9.76
CA HIS D 75 27.79 -4.81 9.32
C HIS D 75 28.48 -3.84 8.37
N HIS D 76 28.27 -3.98 7.05
CA HIS D 76 28.86 -2.99 6.14
C HIS D 76 28.05 -1.68 6.10
N ASN D 77 26.76 -1.70 6.57
N ASN D 77 26.78 -1.67 6.58
CA ASN D 77 25.90 -0.52 6.67
CA ASN D 77 25.88 -0.50 6.65
C ASN D 77 25.90 0.28 5.36
C ASN D 77 25.81 0.32 5.37
N GLU D 78 25.42 -0.32 4.28
CA GLU D 78 25.35 0.35 2.96
C GLU D 78 24.13 1.28 2.92
N ARG D 79 24.31 2.48 2.37
CA ARG D 79 23.20 3.43 2.19
C ARG D 79 23.22 3.87 0.73
N MET D 80 22.03 4.19 0.16
CA MET D 80 21.96 4.75 -1.20
C MET D 80 21.95 6.27 -1.01
N LEU D 81 22.88 7.00 -1.65
CA LEU D 81 23.02 8.43 -1.44
C LEU D 81 23.39 9.10 -2.75
N PHE D 82 23.09 10.38 -2.85
CA PHE D 82 23.35 11.15 -4.07
C PHE D 82 24.74 11.75 -4.10
N HIS D 83 25.24 11.97 -5.33
CA HIS D 83 26.52 12.66 -5.53
C HIS D 83 26.43 13.48 -6.81
N GLY D 84 26.72 14.76 -6.67
CA GLY D 84 26.79 15.68 -7.79
C GLY D 84 28.22 16.11 -8.05
N SER D 85 28.61 16.15 -9.32
CA SER D 85 29.97 16.54 -9.65
C SER D 85 30.10 16.86 -11.12
N PRO D 86 30.94 17.86 -11.47
CA PRO D 86 31.24 18.10 -12.90
C PRO D 86 32.11 16.97 -13.50
N PHE D 87 32.64 16.07 -12.65
CA PHE D 87 33.53 14.96 -13.07
C PHE D 87 32.87 13.61 -13.04
N ILE D 88 31.54 13.61 -13.20
CA ILE D 88 30.73 12.41 -13.26
C ILE D 88 31.29 11.40 -14.32
N ASN D 89 31.73 11.90 -15.49
CA ASN D 89 32.28 11.02 -16.54
C ASN D 89 33.51 10.24 -16.06
N ALA D 90 34.42 10.90 -15.31
CA ALA D 90 35.58 10.20 -14.78
C ALA D 90 35.12 9.20 -13.71
N ILE D 91 34.14 9.60 -12.86
CA ILE D 91 33.68 8.66 -11.81
C ILE D 91 33.10 7.33 -12.36
N ILE D 92 32.29 7.41 -13.41
CA ILE D 92 31.69 6.16 -13.88
C ILE D 92 32.70 5.25 -14.59
N HIS D 93 33.90 5.77 -14.95
CA HIS D 93 34.92 4.95 -15.60
C HIS D 93 36.04 4.54 -14.64
N LYS D 94 36.46 5.48 -13.78
CA LYS D 94 37.60 5.31 -12.85
C LYS D 94 37.18 5.08 -11.38
N GLY D 95 35.92 5.37 -11.08
CA GLY D 95 35.37 5.27 -9.73
C GLY D 95 35.72 6.50 -8.95
N PHE D 96 35.29 6.55 -7.68
CA PHE D 96 35.64 7.65 -6.78
C PHE D 96 37.10 7.47 -6.33
N ASP D 97 37.79 8.59 -6.16
CA ASP D 97 39.21 8.56 -5.79
C ASP D 97 39.47 9.62 -4.75
N GLU D 98 39.81 9.20 -3.53
CA GLU D 98 40.08 10.10 -2.40
C GLU D 98 41.32 10.96 -2.63
N ARG D 99 42.19 10.57 -3.58
CA ARG D 99 43.35 11.40 -3.90
C ARG D 99 42.94 12.74 -4.53
N HIS D 100 41.70 12.81 -5.06
CA HIS D 100 41.14 14.03 -5.60
C HIS D 100 40.41 14.85 -4.53
N ALA D 101 40.40 14.40 -3.26
CA ALA D 101 39.74 15.08 -2.15
C ALA D 101 40.72 16.01 -1.49
N TYR D 102 40.27 17.20 -1.10
CA TYR D 102 41.16 18.15 -0.43
C TYR D 102 40.50 18.71 0.84
N ILE D 103 41.28 19.46 1.66
CA ILE D 103 40.93 19.99 2.99
C ILE D 103 39.62 20.84 3.08
N GLY D 104 39.22 21.49 1.98
CA GLY D 104 38.07 22.40 1.90
C GLY D 104 36.72 21.97 2.45
N GLY D 105 36.43 20.68 2.39
CA GLY D 105 35.15 20.14 2.85
C GLY D 105 34.95 20.30 4.35
N MET D 106 33.70 20.21 4.79
CA MET D 106 33.33 20.33 6.21
C MET D 106 34.03 19.28 7.08
N PHE D 107 34.26 18.10 6.52
CA PHE D 107 34.88 17.01 7.28
C PHE D 107 36.23 16.57 6.68
N GLY D 108 36.89 17.51 6.03
CA GLY D 108 38.22 17.23 5.48
C GLY D 108 38.23 16.49 4.16
N ALA D 109 39.34 15.77 3.92
CA ALA D 109 39.69 15.16 2.64
C ALA D 109 38.99 13.85 2.37
N GLY D 110 37.69 13.95 2.26
CA GLY D 110 36.86 12.81 1.95
C GLY D 110 36.02 13.04 0.70
N ILE D 111 35.18 12.06 0.44
CA ILE D 111 34.24 12.05 -0.70
C ILE D 111 32.87 12.21 -0.06
N TYR D 112 32.11 13.20 -0.54
CA TYR D 112 30.86 13.65 0.09
C TYR D 112 29.61 13.23 -0.64
N PHE D 113 28.60 12.79 0.12
CA PHE D 113 27.31 12.36 -0.43
C PHE D 113 26.19 12.99 0.37
N ALA D 114 25.04 13.13 -0.24
CA ALA D 114 23.89 13.73 0.45
C ALA D 114 22.70 12.80 0.38
N GLU D 115 21.82 12.86 1.41
CA GLU D 115 20.59 12.09 1.35
C GLU D 115 19.51 12.94 0.63
N ASN D 116 19.79 14.26 0.41
CA ASN D 116 18.86 15.16 -0.29
C ASN D 116 19.41 15.43 -1.69
N SER D 117 18.66 15.01 -2.71
CA SER D 117 19.11 15.17 -4.11
C SER D 117 19.39 16.63 -4.44
N SER D 118 18.60 17.55 -3.84
CA SER D 118 18.79 18.99 -4.10
C SER D 118 20.12 19.55 -3.52
N LYS D 119 20.69 18.89 -2.51
CA LYS D 119 21.99 19.31 -1.95
C LYS D 119 23.10 18.92 -2.96
N SER D 120 23.04 17.67 -3.50
CA SER D 120 23.98 17.23 -4.53
C SER D 120 23.85 18.06 -5.82
N ASN D 121 22.62 18.48 -6.19
CA ASN D 121 22.39 19.29 -7.39
C ASN D 121 23.15 20.63 -7.28
N GLN D 122 23.45 21.10 -6.05
CA GLN D 122 24.22 22.36 -5.90
C GLN D 122 25.67 22.26 -6.43
N TYR D 123 26.14 21.02 -6.63
CA TYR D 123 27.56 20.75 -7.00
C TYR D 123 27.77 20.24 -8.40
N VAL D 124 26.67 19.97 -9.13
CA VAL D 124 26.72 19.40 -10.48
C VAL D 124 27.56 20.24 -11.42
N TYR D 125 27.39 21.56 -11.37
CA TYR D 125 28.19 22.42 -12.26
C TYR D 125 29.46 22.97 -11.60
N GLY D 126 29.73 22.56 -10.37
CA GLY D 126 30.93 22.97 -9.65
C GLY D 126 30.66 23.56 -8.29
N ILE D 127 31.72 24.05 -7.59
CA ILE D 127 31.57 24.66 -6.26
C ILE D 127 30.63 25.89 -6.38
N GLY D 128 29.60 25.93 -5.52
CA GLY D 128 28.56 26.96 -5.52
C GLY D 128 27.77 27.04 -6.83
N GLY D 129 27.79 25.94 -7.58
CA GLY D 129 27.15 25.84 -8.89
C GLY D 129 28.03 26.36 -10.03
N GLY D 130 29.31 26.66 -9.76
CA GLY D 130 30.23 27.16 -10.80
C GLY D 130 29.65 28.33 -11.59
N THR D 131 29.70 28.28 -12.94
CA THR D 131 29.08 29.29 -13.80
C THR D 131 27.81 28.69 -14.46
N GLY D 132 27.25 27.63 -13.88
CA GLY D 132 26.04 27.05 -14.44
C GLY D 132 26.23 26.22 -15.69
N CYS D 133 25.16 26.07 -16.48
CA CYS D 133 25.20 25.20 -17.64
C CYS D 133 26.22 25.68 -18.69
N PRO D 134 26.92 24.78 -19.41
CA PRO D 134 27.91 25.23 -20.40
C PRO D 134 27.37 26.10 -21.53
N THR D 135 26.15 25.83 -22.02
CA THR D 135 25.56 26.60 -23.13
C THR D 135 25.11 28.00 -22.74
N HIS D 136 24.44 28.16 -21.59
CA HIS D 136 23.85 29.46 -21.22
C HIS D 136 24.47 30.16 -20.01
N LYS D 137 25.44 29.52 -19.33
CA LYS D 137 26.10 30.03 -18.12
C LYS D 137 25.07 30.38 -17.04
N ASP D 138 24.03 29.53 -16.90
CA ASP D 138 22.95 29.74 -15.98
C ASP D 138 22.91 28.64 -14.93
N ARG D 139 23.11 29.02 -13.66
CA ARG D 139 23.03 28.02 -12.56
C ARG D 139 21.59 27.53 -12.35
N SER D 140 20.61 28.30 -12.84
CA SER D 140 19.21 27.88 -12.74
C SER D 140 18.66 27.49 -14.10
N CYS D 141 19.49 27.02 -15.02
CA CYS D 141 18.98 26.70 -16.36
C CYS D 141 17.92 25.60 -16.25
N TYR D 142 16.74 25.84 -16.87
CA TYR D 142 15.64 24.88 -16.90
C TYR D 142 15.67 24.05 -18.20
N ILE D 143 16.66 24.29 -19.08
CA ILE D 143 16.70 23.61 -20.39
C ILE D 143 17.72 22.48 -20.44
N CYS D 144 18.96 22.82 -20.11
CA CYS D 144 20.07 21.91 -20.20
C CYS D 144 19.94 20.70 -19.29
N HIS D 145 20.31 19.54 -19.82
CA HIS D 145 20.24 18.27 -19.10
C HIS D 145 21.41 18.17 -18.14
N ARG D 146 21.13 17.84 -16.89
CA ARG D 146 22.13 17.74 -15.84
C ARG D 146 22.25 16.28 -15.53
N GLN D 147 23.31 15.89 -14.85
CA GLN D 147 23.45 14.50 -14.44
C GLN D 147 23.89 14.44 -13.00
N MET D 148 23.43 13.42 -12.27
CA MET D 148 23.90 13.19 -10.91
C MET D 148 23.93 11.68 -10.71
N LEU D 149 24.64 11.22 -9.66
CA LEU D 149 24.72 9.81 -9.36
C LEU D 149 23.92 9.48 -8.12
N PHE D 150 23.34 8.27 -8.08
CA PHE D 150 22.68 7.71 -6.89
C PHE D 150 23.53 6.46 -6.63
N CYS D 151 24.33 6.50 -5.52
CA CYS D 151 25.39 5.55 -5.21
C CYS D 151 25.15 4.65 -4.06
N ARG D 152 25.78 3.45 -4.13
CA ARG D 152 25.83 2.54 -3.00
C ARG D 152 27.03 3.04 -2.22
N VAL D 153 26.84 3.36 -0.94
CA VAL D 153 27.92 3.86 -0.09
C VAL D 153 28.09 2.94 1.12
N THR D 154 29.29 2.36 1.29
CA THR D 154 29.61 1.50 2.44
C THR D 154 29.96 2.43 3.60
N LEU D 155 29.06 2.54 4.61
CA LEU D 155 29.30 3.45 5.73
C LEU D 155 30.00 2.76 6.91
N GLY D 156 29.82 1.45 7.05
CA GLY D 156 30.39 0.72 8.18
C GLY D 156 29.97 1.39 9.49
N LYS D 157 30.95 1.63 10.40
CA LYS D 157 30.63 2.34 11.64
C LYS D 157 30.83 3.83 11.40
N SER D 158 29.73 4.62 11.46
CA SER D 158 29.81 6.05 11.26
C SER D 158 30.11 6.82 12.52
N PHE D 159 30.88 7.91 12.37
CA PHE D 159 31.21 8.84 13.44
C PHE D 159 30.32 10.06 13.25
N LEU D 160 29.38 10.26 14.19
CA LEU D 160 28.44 11.36 14.10
C LEU D 160 29.03 12.67 14.57
N GLN D 161 28.85 13.73 13.76
CA GLN D 161 29.31 15.08 14.06
C GLN D 161 28.24 16.09 13.72
N PHE D 162 28.16 17.19 14.50
CA PHE D 162 27.25 18.31 14.26
C PHE D 162 27.97 19.50 13.63
N SER D 163 29.28 19.64 13.90
CA SER D 163 30.06 20.77 13.39
C SER D 163 31.33 20.33 12.67
N THR D 164 31.94 21.28 11.95
CA THR D 164 33.12 21.03 11.11
C THR D 164 34.25 20.35 11.92
N MET D 165 34.86 19.33 11.31
N MET D 165 34.86 19.32 11.32
CA MET D 165 35.95 18.56 11.91
CA MET D 165 35.97 18.57 11.91
C MET D 165 36.78 17.98 10.76
C MET D 165 36.78 17.98 10.77
N LYS D 166 37.86 18.68 10.41
CA LYS D 166 38.74 18.29 9.31
C LYS D 166 39.56 17.09 9.69
N MET D 167 39.39 16.05 8.91
CA MET D 167 40.16 14.83 9.07
C MET D 167 40.58 14.27 7.73
N ALA D 168 41.63 13.44 7.76
CA ALA D 168 42.19 12.81 6.58
C ALA D 168 41.56 11.46 6.34
N HIS D 169 41.13 10.77 7.44
CA HIS D 169 40.63 9.41 7.38
C HIS D 169 39.53 9.30 8.43
N ALA D 170 38.71 8.28 8.38
CA ALA D 170 37.69 8.13 9.41
C ALA D 170 38.38 7.93 10.77
N PRO D 171 37.72 8.29 11.89
CA PRO D 171 38.36 8.09 13.20
C PRO D 171 38.67 6.62 13.44
N PRO D 172 39.63 6.27 14.35
CA PRO D 172 39.90 4.85 14.62
C PRO D 172 38.61 4.07 14.93
N GLY D 173 38.52 2.87 14.39
CA GLY D 173 37.37 1.97 14.56
C GLY D 173 36.16 2.40 13.77
N HIS D 174 36.29 3.45 12.93
CA HIS D 174 35.16 3.93 12.15
C HIS D 174 35.46 3.85 10.66
N HIS D 175 34.40 3.96 9.82
CA HIS D 175 34.52 3.85 8.35
C HIS D 175 33.93 5.02 7.58
N SER D 176 33.24 5.94 8.29
CA SER D 176 32.61 7.11 7.66
C SER D 176 32.32 8.15 8.74
N VAL D 177 32.03 9.37 8.28
CA VAL D 177 31.67 10.49 9.12
C VAL D 177 30.31 10.98 8.62
N ILE D 178 29.38 11.21 9.55
CA ILE D 178 28.07 11.77 9.21
C ILE D 178 27.92 13.13 9.85
N GLY D 179 27.67 14.14 9.02
CA GLY D 179 27.35 15.49 9.43
C GLY D 179 25.85 15.50 9.63
N ARG D 180 25.39 15.54 10.91
CA ARG D 180 23.97 15.49 11.25
C ARG D 180 23.37 16.89 11.33
N PRO D 181 22.11 17.11 10.87
CA PRO D 181 21.52 18.44 11.00
C PRO D 181 21.30 18.78 12.48
N SER D 182 21.59 20.03 12.83
CA SER D 182 21.41 20.56 14.19
C SER D 182 20.83 21.98 14.08
N VAL D 183 20.05 22.39 15.10
CA VAL D 183 19.38 23.71 15.14
C VAL D 183 20.27 24.88 14.63
N ASN D 184 21.53 25.00 15.09
CA ASN D 184 22.43 26.08 14.68
C ASN D 184 23.53 25.69 13.65
N GLY D 185 23.52 24.43 13.20
CA GLY D 185 24.52 23.94 12.27
C GLY D 185 24.00 23.59 10.90
N LEU D 186 24.22 22.33 10.47
CA LEU D 186 23.78 21.87 9.15
C LEU D 186 22.27 21.81 9.02
N ALA D 187 21.74 22.24 7.85
CA ALA D 187 20.32 22.14 7.57
C ALA D 187 20.06 20.73 7.05
N TYR D 188 21.01 20.16 6.26
CA TYR D 188 20.85 18.84 5.66
C TYR D 188 22.09 17.98 5.90
N ALA D 189 21.88 16.66 6.04
CA ALA D 189 22.95 15.70 6.37
C ALA D 189 23.97 15.56 5.24
N GLU D 190 25.20 15.20 5.61
CA GLU D 190 26.24 14.89 4.64
C GLU D 190 26.99 13.70 5.11
N TYR D 191 27.32 12.81 4.18
CA TYR D 191 27.91 11.50 4.45
C TYR D 191 29.28 11.47 3.80
N VAL D 192 30.33 11.17 4.61
CA VAL D 192 31.67 11.29 4.09
C VAL D 192 32.40 9.99 4.26
N ILE D 193 33.10 9.57 3.19
CA ILE D 193 33.99 8.39 3.22
C ILE D 193 35.38 8.86 2.85
N TYR D 194 36.42 8.09 3.25
CA TYR D 194 37.80 8.56 3.01
C TYR D 194 38.60 7.61 2.13
N ARG D 195 37.90 6.67 1.50
CA ARG D 195 38.44 5.70 0.56
C ARG D 195 37.45 5.61 -0.59
N GLY D 196 37.91 5.86 -1.82
CA GLY D 196 37.01 5.79 -2.97
C GLY D 196 36.30 4.46 -3.15
N GLU D 197 36.96 3.34 -2.76
CA GLU D 197 36.33 2.01 -2.94
C GLU D 197 35.13 1.78 -2.04
N GLN D 198 34.82 2.74 -1.16
CA GLN D 198 33.63 2.63 -0.30
C GLN D 198 32.37 3.15 -0.97
N ALA D 199 32.45 3.46 -2.26
CA ALA D 199 31.26 3.87 -2.99
C ALA D 199 31.27 3.28 -4.38
N TYR D 200 30.07 2.98 -4.88
CA TYR D 200 29.87 2.47 -6.23
C TYR D 200 28.80 3.37 -6.90
N PRO D 201 29.10 3.94 -8.09
CA PRO D 201 28.12 4.85 -8.76
C PRO D 201 27.02 4.03 -9.46
N GLU D 202 26.09 3.49 -8.69
CA GLU D 202 25.04 2.57 -9.13
C GLU D 202 24.16 3.13 -10.27
N TYR D 203 23.62 4.32 -10.10
CA TYR D 203 22.73 4.89 -11.12
C TYR D 203 23.20 6.24 -11.60
N LEU D 204 23.06 6.48 -12.92
CA LEU D 204 23.37 7.74 -13.53
C LEU D 204 22.03 8.32 -13.95
N ILE D 205 21.66 9.42 -13.32
CA ILE D 205 20.38 10.10 -13.55
C ILE D 205 20.57 11.35 -14.41
N THR D 206 19.85 11.43 -15.56
CA THR D 206 19.89 12.62 -16.40
C THR D 206 18.58 13.34 -16.17
N TYR D 207 18.64 14.66 -15.91
CA TYR D 207 17.42 15.34 -15.54
C TYR D 207 17.50 16.83 -15.85
N GLN D 208 16.33 17.49 -15.72
CA GLN D 208 16.28 18.95 -15.75
C GLN D 208 15.67 19.41 -14.43
N ILE D 209 16.00 20.63 -14.00
CA ILE D 209 15.24 21.21 -12.90
C ILE D 209 14.02 21.87 -13.57
N MET D 210 12.92 21.99 -12.83
CA MET D 210 11.70 22.59 -13.42
C MET D 210 11.35 23.93 -12.77
N LYS D 211 10.63 24.80 -13.51
CA LYS D 211 10.18 26.07 -12.90
C LYS D 211 9.07 25.80 -11.89
N PRO D 212 9.14 26.36 -10.66
CA PRO D 212 8.06 26.11 -9.69
C PRO D 212 6.66 26.51 -10.16
N GLU D 213 5.65 25.71 -9.77
CA GLU D 213 4.25 26.02 -10.06
C GLU D 213 3.74 26.94 -8.96
ZN ZN E . 17.42 -9.03 18.08
N1 2YQ F . -0.75 -3.46 11.81
N3 2YQ F . -4.29 -5.71 11.27
C4 2YQ F . -1.35 -2.90 14.13
C5 2YQ F . -2.02 -4.91 10.35
C6 2YQ F . -3.49 -5.33 10.12
C7 2YQ F . -4.01 -5.09 12.50
C8 2YQ F . -4.89 -5.26 13.56
C10 2YQ F . -3.53 -3.80 14.99
C13 2YQ F . -3.94 -6.43 6.53
C15 2YQ F . -3.52 -8.41 7.94
C17 2YQ F . -1.40 -4.17 9.17
F2 2YQ F . -3.82 -8.62 5.61
C14 2YQ F . -3.76 -7.81 6.70
C12 2YQ F . -3.89 -5.62 7.66
C16 2YQ F . -3.45 -7.59 9.07
C11 2YQ F . -3.64 -6.22 8.90
N6 2YQ F . -1.63 -2.92 8.82
C18 2YQ F . -0.86 -2.77 7.70
N5 2YQ F . -0.16 -3.84 7.33
N4 2YQ F . -0.51 -4.71 8.28
C19 2YQ F . 0.05 -6.04 8.30
C3 2YQ F . -1.83 -4.16 11.68
C2 2YQ F . -2.85 -4.32 12.73
C9 2YQ F . -4.66 -4.61 14.78
F1 2YQ F . -5.57 -4.67 15.75
C1 2YQ F . -2.59 -3.69 13.96
O 2YQ F . -1.08 -2.38 15.20
N2 2YQ F . -0.54 -2.84 13.00
O1 MES G . -14.30 3.34 27.88
C2 MES G . -15.66 2.87 27.87
C3 MES G . -16.18 2.71 26.47
N4 MES G . -15.29 1.77 25.70
C5 MES G . -13.88 2.26 25.75
C6 MES G . -13.44 2.44 27.18
C7 MES G . -15.81 1.52 24.31
C8 MES G . -15.31 0.20 23.73
S MES G . -15.33 0.22 21.95
O1S MES G . -16.71 0.48 21.57
O2S MES G . -14.43 1.28 21.54
O3S MES G . -14.88 -1.10 21.53
ZN ZN H . -14.15 -29.03 -18.67
N1 2YQ I . -1.09 -28.54 -3.50
N3 2YQ I . 2.52 -26.47 -3.01
C4 2YQ I . -2.38 -26.70 -2.53
C5 2YQ I . 1.30 -28.50 -3.91
C6 2YQ I . 2.56 -27.90 -3.25
C7 2YQ I . 1.34 -25.88 -2.64
C8 2YQ I . 1.34 -24.57 -2.15
C10 2YQ I . -1.08 -24.67 -1.82
C13 2YQ I . 5.52 -30.07 -4.10
C15 2YQ I . 5.28 -28.32 -5.82
C17 2YQ I . 1.28 -30.01 -3.82
F2 2YQ I . 6.97 -29.95 -5.99
C14 2YQ I . 5.92 -29.45 -5.31
C12 2YQ I . 4.44 -29.52 -3.41
C16 2YQ I . 4.18 -27.80 -5.15
C11 2YQ I . 3.80 -28.39 -3.94
N6 2YQ I . 1.07 -30.71 -2.74
C18 2YQ I . 1.19 -32.00 -3.17
N5 2YQ I . 1.50 -32.13 -4.47
N4 2YQ I . 1.57 -30.85 -4.86
C19 2YQ I . 1.80 -30.51 -6.25
C3 2YQ I . 0.02 -27.89 -3.35
C2 2YQ I . 0.10 -26.56 -2.75
C9 2YQ I . 0.15 -23.99 -1.71
F1 2YQ I . 0.15 -22.77 -1.17
C1 2YQ I . -1.12 -25.95 -2.36
O 2YQ I . -3.47 -26.22 -2.20
N2 2YQ I . -2.23 -27.96 -3.07
O1 MES J . -5.46 -13.08 11.53
C2 MES J . -4.36 -12.32 12.06
C3 MES J . -3.10 -13.16 12.14
N4 MES J . -2.76 -13.70 10.79
C5 MES J . -3.93 -14.45 10.22
C6 MES J . -5.15 -13.57 10.21
C7 MES J . -1.48 -14.50 10.81
C8 MES J . -0.73 -14.46 9.49
S MES J . 0.37 -15.84 9.32
O1S MES J . 0.86 -15.81 7.95
O2S MES J . -0.43 -17.02 9.60
O3S MES J . 1.43 -15.65 10.30
ZN ZN K . -40.23 11.75 -19.52
N1 2YQ L . -21.92 7.38 -12.97
N3 2YQ L . -19.15 4.35 -13.97
C4 2YQ L . -20.95 8.97 -14.56
C5 2YQ L . -21.18 5.07 -12.63
C6 2YQ L . -19.96 4.14 -12.77
C7 2YQ L . -19.15 5.58 -14.61
C8 2YQ L . -18.24 5.79 -15.64
C10 2YQ L . -19.01 8.11 -15.91
C13 2YQ L . -20.54 1.18 -10.44
C15 2YQ L . -21.05 0.49 -12.73
C17 2YQ L . -21.78 5.03 -11.23
F2 2YQ L . -21.31 -1.02 -10.91
C14 2YQ L . -20.97 0.21 -11.36
C12 2YQ L . -20.14 2.44 -10.92
C16 2YQ L . -20.71 1.76 -13.19
C11 2YQ L . -20.24 2.72 -12.29
N6 2YQ L . -21.31 5.68 -10.19
C18 2YQ L . -22.16 5.30 -9.20
N5 2YQ L . -23.13 4.45 -9.56
N4 2YQ L . -22.85 4.29 -10.86
C19 2YQ L . -23.67 3.43 -11.68
C3 2YQ L . -21.06 6.46 -13.28
C2 2YQ L . -20.03 6.64 -14.29
C9 2YQ L . -18.16 7.05 -16.25
F1 2YQ L . -17.23 7.26 -17.17
C1 2YQ L . -19.97 7.89 -14.93
O 2YQ L . -20.92 10.07 -15.07
N2 2YQ L . -21.85 8.59 -13.59
ZN ZN M . 21.45 25.92 -20.26
N1 2YQ N . 30.12 17.38 -4.07
N3 2YQ N . 30.52 18.71 -0.11
C4 2YQ N . 27.97 16.29 -3.55
C5 2YQ N . 31.38 18.73 -2.51
C6 2YQ N . 31.68 18.77 -0.99
C7 2YQ N . 29.37 18.02 -0.49
C8 2YQ N . 28.36 17.81 0.46
C10 2YQ N . 27.11 16.52 -1.18
C13 2YQ N . 34.97 20.58 -0.53
C15 2YQ N . 33.14 22.21 -0.26
C17 2YQ N . 32.62 18.52 -3.37
F2 2YQ N . 35.44 22.85 -0.15
C14 2YQ N . 34.51 21.89 -0.31
C12 2YQ N . 34.03 19.55 -0.68
C16 2YQ N . 32.21 21.18 -0.47
C11 2YQ N . 32.66 19.88 -0.66
N6 2YQ N . 33.24 17.37 -3.47
C18 2YQ N . 34.28 17.68 -4.29
N5 2YQ N . 34.37 18.95 -4.69
N4 2YQ N . 33.27 19.46 -4.10
C19 2YQ N . 32.96 20.90 -4.22
C3 2YQ N . 30.22 17.82 -2.86
C2 2YQ N . 29.21 17.54 -1.80
C9 2YQ N . 27.24 17.03 0.10
F1 2YQ N . 26.32 16.73 1.02
C1 2YQ N . 28.09 16.79 -2.16
O 2YQ N . 26.99 15.64 -3.88
N2 2YQ N . 29.03 16.63 -4.38
#